data_6GNE
#
_entry.id   6GNE
#
_cell.length_a   129.760
_cell.length_b   166.940
_cell.length_c   47.940
_cell.angle_alpha   90.00
_cell.angle_beta   90.00
_cell.angle_gamma   90.00
#
_symmetry.space_group_name_H-M   'P 21 21 2'
#
loop_
_entity.id
_entity.type
_entity.pdbx_description
1 polymer 'Probable starch synthase 4, chloroplastic/amyloplastic'
2 branched 4,6-dideoxy-4-{[(1S,4R,5S,6S)-4,5,6-trihydroxy-3-(hydroxymethyl)cyclohex-2-en-1-yl]amino}-alpha-D-glucopyranose-(1-4)-alpha-D-glucopyranose-(1-4)-alpha-D-glucopyranose
3 branched alpha-D-glucopyranose-(1-4)-alpha-D-glucopyranose
4 non-polymer "ADENOSINE-5'-DIPHOSPHATE"
5 water water
#
_entity_poly.entity_id   1
_entity_poly.type   'polypeptide(L)'
_entity_poly.pdbx_seq_one_letter_code
;LVSSPTSSGLYVVHIAAEMAPVAKVGGLGDVVAGLGKALQRKGHLVEIILPKYDCMQYDRVRDLRALDTVVESYFDGKLY
KNKIWIGTVEGLPVHFIEPQHPSKFFWRGQFYGEQDDFRRFSYFSRAALELLLQSGKKPDIIHCHDWQTAFVAPLYWDLY
APKGLDSARICFTCHNFEYQGTASASELGSCGLDVNQLNRPDRMQDHSSGDRVNPVKGAIIFSNIVTTVSPTYAQEVRTA
EGGKGLHSTLNFHSKKFIGILNGIDTDSWNPATDPFLKAQFNAKDLQGKEENKHALRKQLGLSSAESRRPLVGCITRLVP
QKGVHLIRHAIYRTLELGGQFVLLGSSPVPHIQREFEGIEQQFKSHDHVRLLLKYDEALSHTIYAASDLFIIPSIFEPCG
LTQMIAMRYGSIPIARKTGGLNDSVFDIDDDTIPTQFQNGFTFQTADEQGFNYALERAFNHYKKDEEKWMRLVEKVMSID
FSWGSSATQYEELYTRSVSRARAVPNRT
;
_entity_poly.pdbx_strand_id   A,B
#
loop_
_chem_comp.id
_chem_comp.type
_chem_comp.name
_chem_comp.formula
AC1 D-saccharide 4,6-dideoxy-4-{[(1S,4R,5S,6S)-4,5,6-trihydroxy-3-(hydroxymethyl)cyclohex-2-en-1-yl]amino}-alpha-D-glucopyranose 'C13 H23 N O8'
ADP non-polymer ADENOSINE-5'-DIPHOSPHATE 'C10 H15 N5 O10 P2'
GLC D-saccharide, alpha linking alpha-D-glucopyranose 'C6 H12 O6'
#
# COMPACT_ATOMS: atom_id res chain seq x y z
N SER A 8 31.47 -44.35 25.92
CA SER A 8 31.75 -43.19 25.00
C SER A 8 30.56 -42.22 24.77
N GLY A 9 29.34 -42.68 25.06
CA GLY A 9 28.12 -41.88 24.89
C GLY A 9 27.45 -41.51 26.21
N LEU A 10 26.96 -40.27 26.27
CA LEU A 10 26.21 -39.77 27.42
C LEU A 10 24.76 -40.21 27.41
N TYR A 11 24.18 -40.25 28.62
CA TYR A 11 22.77 -40.48 28.83
C TYR A 11 22.16 -39.09 29.14
N VAL A 12 21.34 -38.61 28.21
CA VAL A 12 20.80 -37.25 28.22
C VAL A 12 19.28 -37.31 28.30
N VAL A 13 18.72 -36.71 29.34
CA VAL A 13 17.26 -36.56 29.45
C VAL A 13 16.81 -35.12 29.22
N HIS A 14 15.83 -34.93 28.34
CA HIS A 14 15.24 -33.60 28.08
C HIS A 14 13.88 -33.56 28.73
N ILE A 15 13.64 -32.55 29.53
CA ILE A 15 12.34 -32.35 30.16
C ILE A 15 11.83 -31.06 29.55
N ALA A 16 10.64 -31.11 28.95
CA ALA A 16 10.07 -29.95 28.27
C ALA A 16 8.57 -30.05 28.19
N ALA A 17 7.94 -28.92 27.87
CA ALA A 17 6.49 -28.89 27.69
C ALA A 17 6.06 -29.22 26.27
N GLU A 18 6.99 -29.29 25.33
CA GLU A 18 6.70 -29.61 23.93
C GLU A 18 7.73 -30.53 23.28
N MET A 19 7.25 -31.26 22.29
CA MET A 19 8.08 -31.98 21.35
C MET A 19 7.30 -32.17 20.05
N ALA A 20 7.90 -31.74 18.95
CA ALA A 20 7.31 -31.90 17.64
C ALA A 20 7.43 -33.36 17.22
N PRO A 21 6.38 -33.96 16.65
CA PRO A 21 5.07 -33.36 16.28
C PRO A 21 3.95 -33.57 17.29
N VAL A 22 4.19 -34.43 18.28
CA VAL A 22 3.21 -34.88 19.24
C VAL A 22 2.62 -33.78 20.11
N ALA A 23 3.44 -32.82 20.52
CA ALA A 23 2.98 -31.70 21.30
C ALA A 23 3.74 -30.46 20.91
N LYS A 24 3.14 -29.67 20.01
CA LYS A 24 3.82 -28.55 19.41
C LYS A 24 2.94 -27.31 19.34
N VAL A 25 3.51 -26.19 19.80
CA VAL A 25 2.92 -24.86 19.65
C VAL A 25 3.77 -24.00 18.71
N GLY A 26 5.08 -23.97 18.91
CA GLY A 26 5.97 -23.34 17.97
C GLY A 26 7.33 -23.98 17.89
N GLY A 27 8.37 -23.14 17.91
CA GLY A 27 9.70 -23.59 17.67
C GLY A 27 10.33 -24.44 18.77
N LEU A 28 9.87 -24.27 20.00
CA LEU A 28 10.41 -25.01 21.14
C LEU A 28 10.26 -26.50 20.90
N GLY A 29 9.03 -26.90 20.61
CA GLY A 29 8.76 -28.27 20.24
C GLY A 29 9.63 -28.77 19.10
N ASP A 30 9.89 -27.93 18.09
CA ASP A 30 10.72 -28.33 16.95
C ASP A 30 12.15 -28.63 17.39
N VAL A 31 12.66 -27.75 18.25
CA VAL A 31 14.01 -27.83 18.75
C VAL A 31 14.25 -29.06 19.61
N VAL A 32 13.30 -29.36 20.50
CA VAL A 32 13.46 -30.50 21.40
C VAL A 32 13.65 -31.76 20.57
N ALA A 33 12.80 -31.97 19.56
CA ALA A 33 12.90 -33.13 18.66
C ALA A 33 14.20 -33.10 17.82
N GLY A 34 14.48 -31.94 17.25
CA GLY A 34 15.60 -31.82 16.33
C GLY A 34 16.96 -32.01 16.98
N LEU A 35 17.17 -31.33 18.10
CA LEU A 35 18.38 -31.52 18.90
C LEU A 35 18.44 -32.92 19.49
N GLY A 36 17.29 -33.43 19.96
CA GLY A 36 17.18 -34.80 20.43
C GLY A 36 17.71 -35.82 19.44
N LYS A 37 17.24 -35.72 18.19
CA LYS A 37 17.64 -36.67 17.15
C LYS A 37 19.11 -36.50 16.78
N ALA A 38 19.58 -35.26 16.69
CA ALA A 38 20.99 -35.01 16.35
C ALA A 38 21.90 -35.65 17.38
N LEU A 39 21.54 -35.52 18.66
CA LEU A 39 22.29 -36.15 19.76
C LEU A 39 22.23 -37.68 19.68
N GLN A 40 21.04 -38.21 19.43
CA GLN A 40 20.92 -39.65 19.21
C GLN A 40 21.81 -40.17 18.04
N ARG A 41 21.92 -39.46 16.93
CA ARG A 41 22.85 -39.85 15.84
C ARG A 41 24.31 -39.84 16.27
N LYS A 42 24.67 -38.94 17.18
CA LYS A 42 26.03 -38.89 17.72
C LYS A 42 26.35 -40.01 18.74
N GLY A 43 25.37 -40.88 19.02
CA GLY A 43 25.57 -42.07 19.85
C GLY A 43 25.15 -41.94 21.30
N HIS A 44 24.44 -40.87 21.64
CA HIS A 44 23.98 -40.66 23.02
C HIS A 44 22.63 -41.33 23.21
N LEU A 45 22.41 -41.83 24.42
CA LEU A 45 21.12 -42.33 24.80
C LEU A 45 20.29 -41.13 25.17
N VAL A 46 19.39 -40.73 24.29
CA VAL A 46 18.56 -39.54 24.50
C VAL A 46 17.15 -39.98 24.85
N GLU A 47 16.59 -39.38 25.87
CA GLU A 47 15.21 -39.68 26.29
C GLU A 47 14.48 -38.37 26.59
N ILE A 48 13.17 -38.36 26.37
CA ILE A 48 12.39 -37.15 26.57
C ILE A 48 11.25 -37.40 27.52
N ILE A 49 11.00 -36.45 28.40
CA ILE A 49 9.89 -36.50 29.33
C ILE A 49 8.96 -35.32 29.04
N LEU A 50 7.69 -35.65 28.74
CA LEU A 50 6.63 -34.68 28.43
C LEU A 50 5.42 -34.89 29.31
N PRO A 51 4.53 -33.91 29.38
CA PRO A 51 3.22 -34.21 29.89
C PRO A 51 2.41 -35.03 28.87
N LYS A 52 1.42 -35.75 29.38
CA LYS A 52 0.42 -36.35 28.53
C LYS A 52 -0.73 -35.35 28.43
N TYR A 53 -0.65 -34.48 27.43
CA TYR A 53 -1.75 -33.58 27.12
C TYR A 53 -2.89 -34.38 26.47
N ASP A 54 -4.11 -34.00 26.80
CA ASP A 54 -5.28 -34.51 26.08
C ASP A 54 -5.29 -34.08 24.60
N CYS A 55 -4.70 -32.91 24.32
CA CYS A 55 -4.71 -32.36 22.98
C CYS A 55 -3.47 -32.76 22.18
N MET A 56 -2.78 -33.82 22.59
CA MET A 56 -1.59 -34.27 21.86
C MET A 56 -1.95 -34.90 20.53
N GLN A 57 -0.99 -34.92 19.62
CA GLN A 57 -1.18 -35.43 18.28
C GLN A 57 -0.71 -36.88 18.22
N TYR A 58 -1.66 -37.81 18.11
CA TYR A 58 -1.43 -39.23 18.27
C TYR A 58 -0.68 -39.92 17.15
N ASP A 59 -0.58 -39.32 15.98
CA ASP A 59 -0.38 -40.17 14.80
C ASP A 59 1.04 -40.51 14.43
N ARG A 60 2.03 -39.92 15.10
CA ARG A 60 3.41 -40.34 14.91
C ARG A 60 3.96 -41.03 16.14
N VAL A 61 3.06 -41.37 17.07
CA VAL A 61 3.43 -42.04 18.30
C VAL A 61 3.33 -43.51 18.03
N ARG A 62 4.44 -44.23 18.12
CA ARG A 62 4.48 -45.69 18.03
C ARG A 62 4.48 -46.31 19.42
N ASP A 63 3.95 -47.53 19.52
CA ASP A 63 4.03 -48.33 20.74
C ASP A 63 3.67 -47.54 22.00
N LEU A 64 2.59 -46.78 21.96
CA LEU A 64 2.13 -46.02 23.11
C LEU A 64 1.46 -46.94 24.07
N ARG A 65 1.91 -46.93 25.33
CA ARG A 65 1.33 -47.81 26.35
C ARG A 65 1.48 -47.23 27.72
N ALA A 66 0.50 -47.56 28.56
CA ALA A 66 0.47 -47.16 29.95
C ALA A 66 1.19 -48.21 30.74
N LEU A 67 2.17 -47.78 31.53
CA LEU A 67 2.94 -48.69 32.36
C LEU A 67 2.12 -49.02 33.59
N ASP A 68 2.45 -50.17 34.18
CA ASP A 68 1.79 -50.64 35.37
C ASP A 68 2.30 -49.95 36.60
N THR A 69 3.58 -49.51 36.59
CA THR A 69 4.15 -48.72 37.68
C THR A 69 3.52 -47.32 37.78
N VAL A 70 2.79 -47.08 38.86
CA VAL A 70 2.34 -45.72 39.22
C VAL A 70 3.52 -45.01 39.93
N VAL A 71 3.66 -43.69 39.73
CA VAL A 71 4.72 -42.90 40.36
C VAL A 71 4.06 -41.79 41.18
N GLU A 72 4.26 -41.89 42.50
CA GLU A 72 3.75 -40.91 43.44
C GLU A 72 4.65 -39.70 43.44
N SER A 73 4.05 -38.52 43.40
CA SER A 73 4.75 -37.23 43.26
C SER A 73 4.24 -36.23 44.28
N TYR A 74 5.11 -35.34 44.73
CA TYR A 74 4.75 -34.35 45.74
C TYR A 74 4.09 -33.10 45.16
N PHE A 75 3.07 -32.59 45.84
CA PHE A 75 2.52 -31.25 45.57
C PHE A 75 1.67 -30.75 46.75
N ASP A 76 1.90 -29.52 47.23
CA ASP A 76 1.13 -28.92 48.36
C ASP A 76 1.10 -29.83 49.60
N GLY A 77 2.25 -30.42 49.93
CA GLY A 77 2.39 -31.30 51.10
C GLY A 77 1.83 -32.72 51.06
N LYS A 78 1.14 -33.06 49.97
CA LYS A 78 0.54 -34.38 49.74
C LYS A 78 1.26 -35.08 48.58
N LEU A 79 1.17 -36.40 48.55
CA LEU A 79 1.62 -37.22 47.43
C LEU A 79 0.44 -37.50 46.47
N TYR A 80 0.72 -37.48 45.17
CA TYR A 80 -0.29 -37.73 44.13
C TYR A 80 0.17 -38.77 43.13
N LYS A 81 -0.79 -39.54 42.63
CA LYS A 81 -0.50 -40.60 41.67
C LYS A 81 -0.34 -40.06 40.27
N ASN A 82 0.64 -40.60 39.55
CA ASN A 82 0.84 -40.30 38.13
C ASN A 82 0.89 -41.58 37.28
N LYS A 83 0.04 -41.69 36.25
CA LYS A 83 0.15 -42.75 35.22
C LYS A 83 1.30 -42.38 34.30
N ILE A 84 2.22 -43.31 34.09
CA ILE A 84 3.33 -43.13 33.17
C ILE A 84 3.04 -43.86 31.86
N TRP A 85 3.25 -43.15 30.74
CA TRP A 85 3.09 -43.73 29.42
C TRP A 85 4.44 -43.71 28.72
N ILE A 86 4.70 -44.70 27.85
CA ILE A 86 5.87 -44.60 26.96
C ILE A 86 5.48 -44.80 25.54
N GLY A 87 6.29 -44.27 24.66
CA GLY A 87 6.07 -44.35 23.24
C GLY A 87 7.31 -43.90 22.54
N THR A 88 7.32 -44.05 21.23
CA THR A 88 8.47 -43.67 20.44
C THR A 88 7.99 -42.66 19.43
N VAL A 89 8.63 -41.48 19.45
CA VAL A 89 8.26 -40.38 18.61
C VAL A 89 9.50 -40.05 17.79
N GLU A 90 9.39 -40.39 16.51
CA GLU A 90 10.44 -40.27 15.53
C GLU A 90 11.80 -40.80 15.97
N GLY A 91 11.75 -42.05 16.46
CA GLY A 91 12.93 -42.75 16.93
C GLY A 91 13.39 -42.37 18.33
N LEU A 92 12.81 -41.35 18.97
CA LEU A 92 13.18 -41.01 20.34
C LEU A 92 12.25 -41.70 21.34
N PRO A 93 12.81 -42.30 22.40
CA PRO A 93 11.94 -42.75 23.50
C PRO A 93 11.35 -41.58 24.28
N VAL A 94 10.06 -41.64 24.57
CA VAL A 94 9.37 -40.58 25.30
C VAL A 94 8.59 -41.16 26.46
N HIS A 95 8.57 -40.45 27.58
CA HIS A 95 7.78 -40.75 28.76
C HIS A 95 6.78 -39.61 28.90
N PHE A 96 5.50 -39.94 28.82
CA PHE A 96 4.43 -38.97 29.01
C PHE A 96 3.83 -39.13 30.40
N ILE A 97 3.80 -38.05 31.18
CA ILE A 97 3.27 -38.11 32.54
C ILE A 97 1.82 -37.70 32.52
N GLU A 98 0.94 -38.59 32.98
CA GLU A 98 -0.49 -38.29 33.17
C GLU A 98 -0.84 -38.14 34.67
N PRO A 99 -0.91 -36.91 35.18
CA PRO A 99 -1.23 -36.76 36.62
C PRO A 99 -2.66 -37.10 36.96
N GLN A 100 -2.82 -37.65 38.16
CA GLN A 100 -4.11 -38.00 38.72
C GLN A 100 -4.20 -37.06 39.94
N HIS A 101 -4.23 -35.77 39.65
CA HIS A 101 -4.42 -34.75 40.64
C HIS A 101 -5.79 -34.18 40.32
N PRO A 102 -6.63 -33.91 41.33
CA PRO A 102 -8.03 -33.46 41.05
C PRO A 102 -8.16 -32.24 40.12
N SER A 103 -7.16 -31.36 40.09
CA SER A 103 -7.12 -30.18 39.20
C SER A 103 -6.92 -30.45 37.70
N LYS A 104 -6.57 -31.69 37.34
CA LYS A 104 -6.58 -32.14 35.94
C LYS A 104 -5.71 -31.27 35.07
N PHE A 105 -4.45 -31.22 35.44
CA PHE A 105 -3.56 -30.23 34.89
C PHE A 105 -3.39 -30.34 33.39
N PHE A 106 -3.35 -31.54 32.84
CA PHE A 106 -3.13 -31.72 31.40
C PHE A 106 -4.34 -32.30 30.67
N TRP A 107 -5.51 -31.88 31.12
CA TRP A 107 -6.79 -32.31 30.58
C TRP A 107 -7.65 -31.08 30.29
N ARG A 108 -7.05 -30.01 29.77
CA ARG A 108 -7.69 -28.70 29.61
C ARG A 108 -7.97 -28.32 28.15
N GLY A 109 -7.66 -29.20 27.21
CA GLY A 109 -7.87 -28.92 25.80
C GLY A 109 -6.81 -28.05 25.16
N GLN A 110 -5.77 -27.70 25.92
CA GLN A 110 -4.80 -26.67 25.51
C GLN A 110 -3.42 -27.03 26.03
N PHE A 111 -2.38 -26.63 25.29
CA PHE A 111 -1.03 -26.74 25.80
C PHE A 111 -0.73 -25.66 26.86
N TYR A 112 -0.91 -24.41 26.46
CA TYR A 112 -0.59 -23.25 27.31
C TYR A 112 -1.80 -22.36 27.45
N GLY A 113 -1.72 -21.47 28.43
CA GLY A 113 -2.67 -20.37 28.58
C GLY A 113 -3.72 -20.53 29.64
N GLU A 114 -3.59 -21.52 30.51
CA GLU A 114 -4.50 -21.65 31.65
C GLU A 114 -4.09 -20.66 32.75
N GLN A 115 -5.06 -20.30 33.59
CA GLN A 115 -4.83 -19.35 34.68
C GLN A 115 -3.84 -19.90 35.71
N ASP A 116 -3.81 -21.21 35.87
CA ASP A 116 -2.88 -21.85 36.80
C ASP A 116 -1.67 -22.52 36.10
N ASP A 117 -1.14 -21.92 35.01
CA ASP A 117 0.03 -22.51 34.31
C ASP A 117 1.20 -22.79 35.26
N PHE A 118 1.44 -21.87 36.20
CA PHE A 118 2.54 -21.98 37.15
C PHE A 118 2.46 -23.32 37.91
N ARG A 119 1.27 -23.61 38.44
CA ARG A 119 1.02 -24.82 39.18
C ARG A 119 1.16 -26.05 38.26
N ARG A 120 0.52 -25.98 37.09
CA ARG A 120 0.55 -27.04 36.08
C ARG A 120 1.99 -27.46 35.80
N PHE A 121 2.86 -26.53 35.46
CA PHE A 121 4.21 -26.91 35.04
C PHE A 121 5.24 -27.12 36.17
N SER A 122 5.07 -26.44 37.29
CA SER A 122 5.88 -26.77 38.49
C SER A 122 5.54 -28.19 38.98
N TYR A 123 4.27 -28.60 38.93
CA TYR A 123 3.92 -30.00 39.25
C TYR A 123 4.65 -30.97 38.32
N PHE A 124 4.51 -30.73 37.03
CA PHE A 124 5.13 -31.53 36.01
C PHE A 124 6.64 -31.68 36.23
N SER A 125 7.29 -30.55 36.53
CA SER A 125 8.73 -30.52 36.77
C SER A 125 9.10 -31.41 37.93
N ARG A 126 8.32 -31.36 39.00
CA ARG A 126 8.55 -32.21 40.17
C ARG A 126 8.36 -33.68 39.80
N ALA A 127 7.19 -34.00 39.24
CA ALA A 127 6.89 -35.35 38.83
C ALA A 127 7.92 -35.92 37.86
N ALA A 128 8.49 -35.08 37.00
CA ALA A 128 9.52 -35.55 36.05
C ALA A 128 10.78 -36.07 36.74
N LEU A 129 11.26 -35.29 37.70
CA LEU A 129 12.39 -35.73 38.54
C LEU A 129 12.08 -36.98 39.37
N GLU A 130 10.86 -37.03 39.90
CA GLU A 130 10.37 -38.18 40.65
C GLU A 130 10.36 -39.44 39.79
N LEU A 131 9.90 -39.35 38.56
CA LEU A 131 9.96 -40.48 37.64
C LEU A 131 11.38 -40.97 37.46
N LEU A 132 12.35 -40.06 37.31
CA LEU A 132 13.76 -40.45 37.18
C LEU A 132 14.30 -41.21 38.41
N LEU A 133 14.08 -40.60 39.60
CA LEU A 133 14.49 -41.19 40.86
C LEU A 133 13.91 -42.60 40.97
N GLN A 134 12.60 -42.70 40.87
CA GLN A 134 11.90 -43.97 41.11
C GLN A 134 12.19 -45.10 40.13
N SER A 135 12.72 -44.81 38.95
CA SER A 135 13.19 -45.85 38.02
C SER A 135 14.68 -46.12 38.13
N GLY A 136 15.34 -45.55 39.13
CA GLY A 136 16.79 -45.67 39.26
C GLY A 136 17.60 -45.18 38.06
N LYS A 137 17.09 -44.25 37.29
CA LYS A 137 17.82 -43.74 36.14
C LYS A 137 18.94 -42.81 36.63
N LYS A 138 20.10 -42.91 36.00
CA LYS A 138 21.26 -42.11 36.37
C LYS A 138 21.79 -41.36 35.17
N PRO A 139 21.08 -40.29 34.74
CA PRO A 139 21.55 -39.52 33.60
C PRO A 139 22.79 -38.68 33.89
N ASP A 140 23.63 -38.54 32.88
CA ASP A 140 24.77 -37.67 32.90
C ASP A 140 24.35 -36.21 32.76
N ILE A 141 23.33 -35.97 31.91
CA ILE A 141 22.80 -34.60 31.59
C ILE A 141 21.30 -34.62 31.72
N ILE A 142 20.75 -33.64 32.41
CA ILE A 142 19.33 -33.34 32.36
C ILE A 142 19.26 -31.93 31.75
N HIS A 143 18.56 -31.86 30.61
CA HIS A 143 18.44 -30.62 29.85
C HIS A 143 17.00 -30.15 29.94
N CYS A 144 16.74 -29.01 30.58
CA CYS A 144 15.39 -28.49 30.66
C CYS A 144 15.18 -27.24 29.79
N HIS A 145 13.91 -26.93 29.45
CA HIS A 145 13.55 -25.87 28.46
C HIS A 145 12.51 -24.86 28.96
N ASP A 146 12.92 -23.59 28.99
CA ASP A 146 12.01 -22.45 29.26
C ASP A 146 11.41 -22.46 30.65
N TRP A 147 10.58 -21.46 30.96
CA TRP A 147 10.14 -21.26 32.34
C TRP A 147 9.37 -22.46 32.87
N GLN A 148 8.62 -23.14 32.02
CA GLN A 148 7.79 -24.26 32.47
C GLN A 148 8.59 -25.40 33.16
N THR A 149 9.80 -25.67 32.69
CA THR A 149 10.66 -26.68 33.30
C THR A 149 11.93 -26.09 33.92
N ALA A 150 11.96 -24.76 34.11
CA ALA A 150 13.03 -24.10 34.82
C ALA A 150 13.11 -24.57 36.26
N PHE A 151 11.97 -24.96 36.82
CA PHE A 151 11.89 -25.47 38.19
C PHE A 151 12.75 -26.69 38.44
N VAL A 152 13.08 -27.44 37.40
CA VAL A 152 13.93 -28.62 37.51
C VAL A 152 15.31 -28.34 38.16
N ALA A 153 15.95 -27.23 37.78
CA ALA A 153 17.30 -26.90 38.28
C ALA A 153 17.39 -26.78 39.82
N PRO A 154 16.60 -25.88 40.44
CA PRO A 154 16.62 -25.84 41.91
C PRO A 154 16.07 -27.09 42.59
N LEU A 155 15.01 -27.70 42.02
CA LEU A 155 14.50 -28.98 42.52
C LEU A 155 15.58 -30.05 42.57
N TYR A 156 16.32 -30.20 41.47
CA TYR A 156 17.37 -31.22 41.39
C TYR A 156 18.39 -31.07 42.52
N TRP A 157 18.90 -29.85 42.69
CA TRP A 157 19.96 -29.59 43.67
C TRP A 157 19.47 -29.63 45.12
N ASP A 158 18.27 -29.10 45.36
CA ASP A 158 17.73 -29.03 46.72
C ASP A 158 17.11 -30.34 47.19
N LEU A 159 16.48 -31.10 46.30
CA LEU A 159 15.75 -32.31 46.72
C LEU A 159 16.14 -33.67 46.12
N TYR A 160 16.94 -33.70 45.05
CA TYR A 160 17.22 -34.98 44.35
C TYR A 160 18.68 -35.44 44.30
N ALA A 161 19.64 -34.50 44.20
CA ALA A 161 21.06 -34.80 44.42
C ALA A 161 21.36 -35.40 45.80
N PRO A 162 20.70 -34.91 46.90
CA PRO A 162 20.84 -35.52 48.24
C PRO A 162 19.86 -36.71 48.56
N LYS A 163 19.19 -37.25 47.55
CA LYS A 163 18.30 -38.42 47.70
C LYS A 163 18.82 -39.66 46.93
N GLY A 164 20.03 -39.57 46.35
CA GLY A 164 20.54 -40.61 45.46
C GLY A 164 20.71 -40.22 43.99
N LEU A 165 19.94 -39.23 43.52
CA LEU A 165 20.04 -38.71 42.12
C LEU A 165 21.04 -37.50 42.05
N ASP A 166 22.35 -37.79 42.02
CA ASP A 166 23.44 -36.78 41.97
C ASP A 166 24.45 -37.02 40.80
N SER A 167 24.03 -37.84 39.84
CA SER A 167 24.84 -38.19 38.65
C SER A 167 24.92 -37.06 37.58
N ALA A 168 23.90 -36.21 37.52
CA ALA A 168 23.70 -35.33 36.37
C ALA A 168 24.21 -33.91 36.55
N ARG A 169 24.64 -33.34 35.44
CA ARG A 169 24.74 -31.90 35.24
C ARG A 169 23.42 -31.37 34.65
N ILE A 170 23.08 -30.14 35.01
CA ILE A 170 21.85 -29.50 34.54
C ILE A 170 22.17 -28.49 33.44
N CYS A 171 21.47 -28.64 32.31
CA CYS A 171 21.51 -27.67 31.23
C CYS A 171 20.13 -27.03 31.14
N PHE A 172 20.14 -25.71 31.00
CA PHE A 172 18.91 -24.95 30.78
C PHE A 172 18.98 -24.13 29.50
N THR A 173 18.01 -24.31 28.63
CA THR A 173 17.89 -23.48 27.44
C THR A 173 16.67 -22.55 27.63
N CYS A 174 16.87 -21.22 27.54
CA CYS A 174 15.74 -20.28 27.37
C CYS A 174 15.60 -19.89 25.91
N HIS A 175 14.45 -20.25 25.34
CA HIS A 175 14.12 -20.02 23.94
C HIS A 175 13.42 -18.63 23.70
N ASN A 176 12.98 -18.00 24.78
CA ASN A 176 12.49 -16.61 24.74
C ASN A 176 12.48 -16.03 26.15
N PHE A 177 13.40 -15.11 26.42
CA PHE A 177 13.51 -14.48 27.77
C PHE A 177 12.37 -13.54 28.11
N GLU A 178 11.48 -13.28 27.17
CA GLU A 178 10.23 -12.63 27.48
C GLU A 178 9.41 -13.41 28.50
N TYR A 179 9.44 -14.73 28.40
CA TYR A 179 8.60 -15.58 29.26
C TYR A 179 9.37 -16.13 30.42
N GLN A 180 9.22 -15.49 31.57
CA GLN A 180 10.02 -15.78 32.75
C GLN A 180 9.26 -16.59 33.83
N GLY A 181 7.93 -16.69 33.70
CA GLY A 181 7.09 -17.44 34.61
C GLY A 181 6.93 -16.84 35.98
N THR A 182 7.04 -15.52 36.06
CA THR A 182 7.05 -14.86 37.35
C THR A 182 5.70 -15.02 38.02
N ALA A 183 5.71 -15.16 39.33
CA ALA A 183 4.50 -15.21 40.16
C ALA A 183 4.85 -14.75 41.59
N SER A 184 3.84 -14.67 42.47
CA SER A 184 4.05 -14.51 43.92
C SER A 184 4.84 -15.68 44.50
N ALA A 185 5.62 -15.39 45.53
CA ALA A 185 6.51 -16.36 46.16
C ALA A 185 5.79 -17.57 46.79
N SER A 186 4.61 -17.33 47.37
CA SER A 186 3.75 -18.38 47.96
C SER A 186 3.63 -19.61 47.08
N GLU A 187 3.44 -19.35 45.78
CA GLU A 187 3.23 -20.39 44.79
C GLU A 187 4.44 -21.30 44.50
N LEU A 188 5.64 -20.84 44.85
CA LEU A 188 6.86 -21.65 44.67
C LEU A 188 6.92 -22.85 45.61
N GLY A 189 6.22 -22.76 46.74
CA GLY A 189 6.23 -23.82 47.75
C GLY A 189 5.44 -25.06 47.35
N SER A 190 4.53 -24.92 46.39
CA SER A 190 3.72 -26.05 45.95
C SER A 190 4.56 -27.26 45.51
N CYS A 191 5.55 -27.02 44.66
CA CYS A 191 6.36 -28.13 44.10
C CYS A 191 7.38 -28.69 45.07
N GLY A 192 7.55 -28.05 46.24
CA GLY A 192 8.42 -28.56 47.32
C GLY A 192 9.58 -27.65 47.67
N LEU A 193 9.77 -26.60 46.89
CA LEU A 193 10.90 -25.69 47.07
C LEU A 193 10.71 -24.79 48.28
N ASP A 194 11.82 -24.52 48.97
CA ASP A 194 11.86 -23.72 50.19
C ASP A 194 11.81 -22.21 49.85
N VAL A 195 10.67 -21.58 50.15
CA VAL A 195 10.41 -20.19 49.75
C VAL A 195 11.44 -19.23 50.37
N ASN A 196 11.63 -19.32 51.68
CA ASN A 196 12.56 -18.44 52.41
C ASN A 196 13.99 -18.50 51.89
N GLN A 197 14.49 -19.72 51.62
CA GLN A 197 15.84 -19.92 51.05
C GLN A 197 15.96 -19.33 49.65
N LEU A 198 14.94 -19.56 48.83
CA LEU A 198 14.98 -19.22 47.40
C LEU A 198 14.47 -17.82 47.04
N ASN A 199 13.60 -17.23 47.89
CA ASN A 199 13.16 -15.85 47.67
C ASN A 199 14.18 -14.87 48.27
N ARG A 200 15.40 -14.88 47.70
CA ARG A 200 16.49 -13.97 48.04
C ARG A 200 17.08 -13.40 46.75
N PRO A 201 17.59 -12.14 46.78
CA PRO A 201 18.04 -11.51 45.49
C PRO A 201 19.13 -12.30 44.74
N ASP A 202 20.08 -12.86 45.49
CA ASP A 202 21.09 -13.80 44.95
C ASP A 202 20.54 -15.16 44.48
N ARG A 203 19.24 -15.40 44.61
CA ARG A 203 18.58 -16.65 44.15
C ARG A 203 17.41 -16.36 43.17
N MET A 204 16.15 -16.55 43.57
CA MET A 204 15.03 -16.56 42.62
C MET A 204 14.06 -15.38 42.75
N GLN A 205 14.31 -14.44 43.68
CA GLN A 205 13.48 -13.24 43.79
C GLN A 205 13.50 -12.48 42.46
N ASP A 206 12.34 -12.06 41.95
CA ASP A 206 12.29 -11.28 40.71
C ASP A 206 13.21 -10.03 40.80
N HIS A 207 13.56 -9.52 39.64
CA HIS A 207 14.45 -8.37 39.50
C HIS A 207 13.73 -7.07 39.83
N SER A 208 12.39 -7.07 39.62
CA SER A 208 11.50 -5.90 39.74
C SER A 208 10.48 -5.90 40.88
N SER A 209 10.48 -6.95 41.70
CA SER A 209 9.65 -7.01 42.90
C SER A 209 10.26 -7.91 44.01
N GLY A 210 9.82 -7.64 45.23
CA GLY A 210 10.35 -8.27 46.44
C GLY A 210 9.59 -9.52 46.84
N ASP A 211 8.26 -9.52 46.65
CA ASP A 211 7.43 -10.68 47.00
C ASP A 211 6.95 -11.43 45.75
N ARG A 212 7.80 -11.44 44.73
CA ARG A 212 7.62 -12.29 43.53
C ARG A 212 8.89 -13.10 43.25
N VAL A 213 8.72 -14.28 42.63
CA VAL A 213 9.87 -15.13 42.26
C VAL A 213 9.97 -15.35 40.75
N ASN A 214 11.15 -15.71 40.28
CA ASN A 214 11.45 -15.77 38.85
C ASN A 214 12.06 -17.13 38.48
N PRO A 215 11.26 -18.02 37.87
CA PRO A 215 11.74 -19.36 37.50
C PRO A 215 12.94 -19.38 36.58
N VAL A 216 12.92 -18.56 35.55
CA VAL A 216 14.03 -18.49 34.61
C VAL A 216 15.30 -18.00 35.31
N LYS A 217 15.16 -17.05 36.22
CA LYS A 217 16.31 -16.59 37.02
C LYS A 217 16.90 -17.70 37.90
N GLY A 218 16.03 -18.51 38.50
CA GLY A 218 16.48 -19.70 39.22
C GLY A 218 17.20 -20.70 38.35
N ALA A 219 16.76 -20.89 37.12
CA ALA A 219 17.43 -21.82 36.20
C ALA A 219 18.77 -21.28 35.73
N ILE A 220 18.91 -19.96 35.58
CA ILE A 220 20.20 -19.41 35.21
C ILE A 220 21.20 -19.68 36.33
N ILE A 221 20.76 -19.49 37.55
CA ILE A 221 21.62 -19.63 38.73
C ILE A 221 22.01 -21.07 39.02
N PHE A 222 21.02 -21.94 39.06
CA PHE A 222 21.21 -23.35 39.46
C PHE A 222 21.71 -24.31 38.38
N SER A 223 21.80 -23.90 37.13
CA SER A 223 22.18 -24.81 36.06
C SER A 223 23.68 -24.74 35.85
N ASN A 224 24.28 -25.84 35.44
CA ASN A 224 25.70 -25.87 35.10
C ASN A 224 26.00 -25.32 33.71
N ILE A 225 24.99 -25.35 32.83
CA ILE A 225 25.09 -24.86 31.46
C ILE A 225 23.82 -24.08 31.17
N VAL A 226 23.95 -22.85 30.64
CA VAL A 226 22.78 -22.06 30.24
C VAL A 226 22.95 -21.62 28.82
N THR A 227 21.99 -21.96 27.95
CA THR A 227 22.03 -21.47 26.55
C THR A 227 20.78 -20.73 26.14
N THR A 228 20.93 -19.96 25.07
CA THR A 228 19.81 -19.48 24.29
C THR A 228 20.08 -19.75 22.82
N VAL A 229 19.15 -19.37 21.99
CA VAL A 229 18.99 -19.99 20.69
C VAL A 229 19.61 -19.23 19.50
N SER A 230 20.39 -18.16 19.76
CA SER A 230 21.28 -17.60 18.73
C SER A 230 22.36 -16.71 19.34
N PRO A 231 23.54 -16.66 18.73
CA PRO A 231 24.59 -15.74 19.26
C PRO A 231 24.13 -14.25 19.39
N THR A 232 23.44 -13.73 18.39
CA THR A 232 22.99 -12.32 18.42
C THR A 232 21.96 -12.08 19.54
N TYR A 233 20.98 -12.98 19.66
CA TYR A 233 20.02 -12.86 20.76
C TYR A 233 20.72 -12.90 22.14
N ALA A 234 21.72 -13.77 22.29
CA ALA A 234 22.53 -13.81 23.53
C ALA A 234 23.16 -12.46 23.84
N GLN A 235 23.62 -11.76 22.81
CA GLN A 235 24.17 -10.41 23.03
C GLN A 235 23.07 -9.42 23.43
N GLU A 236 21.92 -9.50 22.75
CA GLU A 236 20.79 -8.58 23.01
C GLU A 236 20.30 -8.68 24.44
N VAL A 237 20.19 -9.89 24.97
CA VAL A 237 19.71 -10.09 26.33
C VAL A 237 20.75 -9.77 27.42
N ARG A 238 22.01 -9.58 27.04
CA ARG A 238 23.01 -9.02 27.95
C ARG A 238 22.90 -7.51 28.12
N THR A 239 22.22 -6.80 27.22
CA THR A 239 21.99 -5.35 27.37
C THR A 239 20.71 -5.10 28.15
N ALA A 240 20.66 -3.94 28.81
CA ALA A 240 19.50 -3.51 29.61
C ALA A 240 18.18 -3.59 28.79
N GLU A 241 18.24 -3.10 27.56
CA GLU A 241 17.05 -2.87 26.77
C GLU A 241 16.43 -4.18 26.24
N GLY A 242 17.28 -5.15 25.88
CA GLY A 242 16.83 -6.46 25.40
C GLY A 242 16.69 -7.56 26.46
N GLY A 243 17.35 -7.40 27.61
CA GLY A 243 17.38 -8.44 28.63
C GLY A 243 16.10 -8.67 29.42
N LYS A 244 15.25 -7.66 29.50
CA LYS A 244 13.92 -7.74 30.15
C LYS A 244 14.03 -7.96 31.66
N GLY A 245 14.91 -7.19 32.30
CA GLY A 245 15.22 -7.32 33.72
C GLY A 245 16.35 -8.28 34.10
N LEU A 246 16.60 -9.29 33.26
CA LEU A 246 17.56 -10.36 33.57
C LEU A 246 18.98 -10.10 33.11
N HIS A 247 19.22 -9.02 32.37
CA HIS A 247 20.56 -8.70 31.86
C HIS A 247 21.67 -8.76 32.92
N SER A 248 21.40 -8.24 34.13
CA SER A 248 22.39 -8.21 35.23
C SER A 248 22.80 -9.61 35.69
N THR A 249 21.82 -10.51 35.79
CA THR A 249 22.05 -11.88 36.16
C THR A 249 22.87 -12.64 35.09
N LEU A 250 22.54 -12.40 33.83
CA LEU A 250 23.25 -13.02 32.71
C LEU A 250 24.68 -12.53 32.55
N ASN A 251 24.91 -11.25 32.82
CA ASN A 251 26.29 -10.70 32.83
C ASN A 251 27.14 -11.27 33.94
N PHE A 252 26.54 -11.51 35.10
CA PHE A 252 27.23 -12.08 36.25
C PHE A 252 27.66 -13.52 35.96
N HIS A 253 26.72 -14.29 35.40
CA HIS A 253 26.93 -15.70 35.07
C HIS A 253 27.34 -15.89 33.60
N SER A 254 28.03 -14.92 33.01
CA SER A 254 28.34 -14.99 31.59
C SER A 254 29.23 -16.20 31.18
N LYS A 255 30.16 -16.58 32.02
CA LYS A 255 31.07 -17.70 31.73
C LYS A 255 30.37 -19.01 31.27
N LYS A 256 29.20 -19.30 31.82
CA LYS A 256 28.44 -20.52 31.51
C LYS A 256 27.26 -20.30 30.56
N PHE A 257 27.07 -19.06 30.09
CA PHE A 257 25.98 -18.65 29.22
C PHE A 257 26.46 -18.50 27.80
N ILE A 258 25.82 -19.19 26.87
CA ILE A 258 26.23 -19.09 25.48
C ILE A 258 25.03 -19.21 24.55
N GLY A 259 25.06 -18.48 23.44
CA GLY A 259 24.02 -18.51 22.43
C GLY A 259 24.42 -19.42 21.30
N ILE A 260 23.54 -20.36 20.95
CA ILE A 260 23.82 -21.34 19.90
C ILE A 260 22.63 -21.36 18.95
N LEU A 261 22.92 -21.07 17.68
CA LEU A 261 21.88 -21.00 16.64
C LEU A 261 21.22 -22.34 16.47
N ASN A 262 19.89 -22.38 16.63
CA ASN A 262 19.12 -23.60 16.36
C ASN A 262 19.41 -24.09 14.91
N GLY A 263 19.48 -25.41 14.73
CA GLY A 263 19.21 -26.01 13.44
C GLY A 263 17.73 -26.34 13.26
N ILE A 264 17.43 -26.98 12.15
CA ILE A 264 16.12 -27.62 11.89
C ILE A 264 16.36 -29.07 11.52
N ASP A 265 15.33 -29.86 11.73
CA ASP A 265 15.36 -31.27 11.39
C ASP A 265 15.27 -31.41 9.88
N THR A 266 16.42 -31.50 9.23
CA THR A 266 16.45 -31.60 7.77
C THR A 266 16.04 -32.98 7.18
N ASP A 267 15.65 -33.94 8.02
CA ASP A 267 14.99 -35.17 7.55
C ASP A 267 13.48 -34.98 7.45
N SER A 268 12.85 -34.44 8.50
CA SER A 268 11.45 -33.96 8.45
C SER A 268 11.22 -32.83 7.45
N TRP A 269 12.06 -31.81 7.51
CA TRP A 269 11.97 -30.67 6.57
C TRP A 269 12.90 -30.90 5.39
N ASN A 270 12.39 -31.63 4.40
CA ASN A 270 13.17 -31.98 3.20
C ASN A 270 12.25 -32.07 2.01
N PRO A 271 12.38 -31.13 1.04
CA PRO A 271 11.48 -31.14 -0.12
C PRO A 271 11.53 -32.43 -0.98
N ALA A 272 12.67 -33.12 -0.97
CA ALA A 272 12.87 -34.36 -1.74
C ALA A 272 12.04 -35.52 -1.27
N THR A 273 11.69 -35.55 0.02
CA THR A 273 10.97 -36.67 0.62
C THR A 273 9.79 -36.25 1.43
N ASP A 274 9.31 -35.03 1.28
CA ASP A 274 8.25 -34.51 2.15
C ASP A 274 6.91 -35.19 1.75
N PRO A 275 6.32 -35.98 2.68
CA PRO A 275 5.08 -36.70 2.31
C PRO A 275 3.86 -35.76 2.19
N PHE A 276 3.90 -34.61 2.86
CA PHE A 276 2.81 -33.61 2.77
C PHE A 276 2.71 -32.86 1.40
N LEU A 277 3.72 -32.98 0.54
CA LEU A 277 3.73 -32.24 -0.73
C LEU A 277 3.03 -33.00 -1.83
N LYS A 278 2.56 -32.27 -2.82
CA LYS A 278 2.09 -32.87 -4.06
C LYS A 278 3.28 -33.44 -4.86
N ALA A 279 4.29 -32.59 -5.09
CA ALA A 279 5.48 -32.98 -5.82
C ALA A 279 6.73 -32.70 -5.00
N GLN A 280 7.76 -33.48 -5.26
CA GLN A 280 9.00 -33.45 -4.54
C GLN A 280 9.97 -32.67 -5.40
N PHE A 281 11.01 -32.10 -4.79
CA PHE A 281 12.06 -31.39 -5.52
C PHE A 281 13.28 -31.21 -4.64
N ASN A 282 14.35 -30.73 -5.20
CA ASN A 282 15.58 -30.52 -4.46
C ASN A 282 16.42 -29.46 -5.15
N ALA A 283 17.54 -29.12 -4.51
CA ALA A 283 18.49 -28.13 -5.07
C ALA A 283 18.82 -28.32 -6.55
N LYS A 284 18.83 -29.57 -7.03
CA LYS A 284 19.23 -29.88 -8.39
C LYS A 284 18.07 -29.97 -9.39
N ASP A 285 16.82 -29.78 -8.95
CA ASP A 285 15.65 -29.99 -9.83
C ASP A 285 14.41 -29.30 -9.23
N LEU A 286 14.15 -28.08 -9.67
CA LEU A 286 13.09 -27.24 -9.13
C LEU A 286 11.73 -27.38 -9.81
N GLN A 287 11.65 -28.19 -10.84
CA GLN A 287 10.41 -28.65 -11.46
C GLN A 287 9.25 -28.71 -10.45
N GLY A 288 9.41 -29.56 -9.45
CA GLY A 288 8.42 -29.78 -8.43
C GLY A 288 8.04 -28.57 -7.57
N LYS A 289 8.93 -27.58 -7.49
CA LYS A 289 8.59 -26.31 -6.82
C LYS A 289 7.52 -25.55 -7.61
N GLU A 290 7.74 -25.29 -8.90
CA GLU A 290 6.67 -24.74 -9.75
C GLU A 290 5.37 -25.57 -9.68
N GLU A 291 5.46 -26.89 -9.65
CA GLU A 291 4.27 -27.75 -9.52
C GLU A 291 3.51 -27.49 -8.20
N ASN A 292 4.23 -27.26 -7.10
CA ASN A 292 3.59 -26.94 -5.81
C ASN A 292 2.98 -25.54 -5.80
N LYS A 293 3.66 -24.60 -6.44
CA LYS A 293 3.11 -23.28 -6.66
C LYS A 293 1.77 -23.37 -7.38
N HIS A 294 1.72 -24.15 -8.45
CA HIS A 294 0.47 -24.32 -9.19
C HIS A 294 -0.62 -25.04 -8.33
N ALA A 295 -0.23 -26.10 -7.65
CA ALA A 295 -1.17 -26.87 -6.84
C ALA A 295 -1.81 -26.00 -5.74
N LEU A 296 -1.00 -25.19 -5.06
CA LEU A 296 -1.49 -24.32 -3.98
C LEU A 296 -2.43 -23.25 -4.49
N ARG A 297 -2.06 -22.61 -5.60
CA ARG A 297 -2.97 -21.67 -6.27
C ARG A 297 -4.35 -22.28 -6.57
N LYS A 298 -4.31 -23.47 -7.16
CA LYS A 298 -5.51 -24.24 -7.53
C LYS A 298 -6.32 -24.62 -6.27
N GLN A 299 -5.66 -25.07 -5.21
CA GLN A 299 -6.38 -25.42 -3.99
C GLN A 299 -7.06 -24.19 -3.39
N LEU A 300 -6.38 -23.03 -3.38
CA LEU A 300 -6.89 -21.82 -2.72
C LEU A 300 -7.77 -20.94 -3.59
N GLY A 301 -7.77 -21.18 -4.90
CA GLY A 301 -8.53 -20.34 -5.82
C GLY A 301 -7.83 -19.05 -6.20
N LEU A 302 -6.49 -19.06 -6.13
CA LEU A 302 -5.67 -17.95 -6.63
C LEU A 302 -5.41 -18.09 -8.13
N SER A 303 -5.26 -16.96 -8.81
CA SER A 303 -5.04 -16.94 -10.25
C SER A 303 -3.66 -17.47 -10.66
N SER A 304 -3.65 -18.34 -11.67
CA SER A 304 -2.41 -18.80 -12.27
C SER A 304 -2.31 -18.33 -13.72
N ALA A 305 -3.17 -17.40 -14.12
CA ALA A 305 -3.12 -16.82 -15.48
C ALA A 305 -1.76 -16.30 -15.87
N GLU A 306 -1.07 -15.62 -14.94
CA GLU A 306 0.28 -15.10 -15.23
C GLU A 306 1.37 -16.04 -14.68
N SER A 307 2.40 -16.23 -15.53
CA SER A 307 3.72 -16.74 -15.14
C SER A 307 4.53 -15.54 -14.61
N ARG A 308 5.47 -15.82 -13.71
CA ARG A 308 6.27 -14.75 -13.07
C ARG A 308 5.49 -13.70 -12.26
N ARG A 309 4.49 -14.16 -11.52
CA ARG A 309 3.94 -13.38 -10.44
C ARG A 309 4.48 -14.02 -9.15
N PRO A 310 5.29 -13.29 -8.37
CA PRO A 310 5.87 -13.87 -7.16
C PRO A 310 4.82 -14.11 -6.06
N LEU A 311 4.86 -15.30 -5.46
CA LEU A 311 3.99 -15.67 -4.35
C LEU A 311 4.77 -15.42 -3.06
N VAL A 312 4.25 -14.53 -2.22
CA VAL A 312 4.86 -14.20 -0.93
C VAL A 312 4.11 -14.99 0.12
N GLY A 313 4.83 -15.77 0.90
CA GLY A 313 4.21 -16.55 1.98
C GLY A 313 4.64 -16.02 3.35
N CYS A 314 3.78 -16.29 4.33
CA CYS A 314 4.02 -15.96 5.71
C CYS A 314 3.31 -17.00 6.54
N ILE A 315 4.07 -17.69 7.40
CA ILE A 315 3.59 -18.73 8.33
C ILE A 315 4.11 -18.36 9.70
N THR A 316 3.20 -18.06 10.62
CA THR A 316 3.61 -17.48 11.89
C THR A 316 2.46 -17.47 12.90
N ARG A 317 2.81 -17.35 14.16
CA ARG A 317 1.86 -16.98 15.18
C ARG A 317 1.75 -15.47 15.05
N LEU A 318 0.54 -14.95 15.20
CA LEU A 318 0.27 -13.55 15.06
C LEU A 318 0.24 -12.88 16.43
N VAL A 319 1.44 -12.50 16.88
CA VAL A 319 1.65 -11.83 18.18
C VAL A 319 2.62 -10.67 17.94
N PRO A 320 2.63 -9.65 18.82
CA PRO A 320 3.51 -8.48 18.58
C PRO A 320 4.94 -8.80 18.22
N GLN A 321 5.51 -9.87 18.78
CA GLN A 321 6.90 -10.22 18.50
C GLN A 321 7.19 -10.31 16.99
N LYS A 322 6.21 -10.82 16.25
CA LYS A 322 6.39 -11.14 14.84
C LYS A 322 6.19 -9.93 13.89
N GLY A 323 5.95 -8.75 14.44
CA GLY A 323 5.78 -7.54 13.66
C GLY A 323 4.48 -7.58 12.87
N VAL A 324 3.36 -7.75 13.56
CA VAL A 324 2.07 -7.93 12.90
C VAL A 324 1.60 -6.73 12.07
N HIS A 325 1.99 -5.50 12.47
CA HIS A 325 1.66 -4.31 11.69
C HIS A 325 2.39 -4.36 10.35
N LEU A 326 3.65 -4.82 10.35
CA LEU A 326 4.42 -5.03 9.13
C LEU A 326 3.89 -6.18 8.27
N ILE A 327 3.38 -7.24 8.89
CA ILE A 327 2.76 -8.31 8.15
C ILE A 327 1.50 -7.80 7.46
N ARG A 328 0.64 -7.10 8.21
CA ARG A 328 -0.50 -6.42 7.64
C ARG A 328 -0.13 -5.55 6.43
N HIS A 329 0.89 -4.71 6.58
CA HIS A 329 1.34 -3.84 5.50
C HIS A 329 1.79 -4.62 4.30
N ALA A 330 2.53 -5.69 4.54
CA ALA A 330 3.09 -6.53 3.48
C ALA A 330 2.04 -7.16 2.59
N ILE A 331 0.85 -7.44 3.16
CA ILE A 331 -0.21 -7.99 2.37
C ILE A 331 -0.55 -7.00 1.25
N TYR A 332 -0.82 -5.76 1.63
CA TYR A 332 -1.23 -4.74 0.67
C TYR A 332 -0.11 -4.33 -0.26
N ARG A 333 1.10 -4.26 0.25
CA ARG A 333 2.22 -3.85 -0.57
C ARG A 333 2.54 -4.89 -1.67
N THR A 334 2.50 -6.15 -1.26
CA THR A 334 2.72 -7.26 -2.16
C THR A 334 1.73 -7.19 -3.30
N LEU A 335 0.47 -6.97 -2.95
CA LEU A 335 -0.57 -6.79 -3.92
C LEU A 335 -0.29 -5.54 -4.82
N GLU A 336 0.08 -4.42 -4.23
CA GLU A 336 0.37 -3.20 -4.97
C GLU A 336 1.50 -3.41 -6.00
N LEU A 337 2.50 -4.20 -5.59
CA LEU A 337 3.67 -4.48 -6.41
C LEU A 337 3.44 -5.57 -7.48
N GLY A 338 2.22 -6.13 -7.54
CA GLY A 338 1.85 -7.13 -8.53
C GLY A 338 2.20 -8.57 -8.17
N GLY A 339 2.28 -8.87 -6.87
CA GLY A 339 2.49 -10.23 -6.40
C GLY A 339 1.24 -10.77 -5.75
N GLN A 340 1.31 -12.02 -5.31
CA GLN A 340 0.28 -12.69 -4.54
C GLN A 340 0.79 -12.96 -3.13
N PHE A 341 -0.14 -13.16 -2.19
CA PHE A 341 0.20 -13.31 -0.79
C PHE A 341 -0.69 -14.39 -0.11
N VAL A 342 -0.03 -15.33 0.57
CA VAL A 342 -0.70 -16.37 1.35
C VAL A 342 -0.22 -16.29 2.79
N LEU A 343 -1.16 -16.04 3.71
CA LEU A 343 -0.86 -16.01 5.13
C LEU A 343 -1.46 -17.25 5.78
N LEU A 344 -0.64 -17.93 6.57
CA LEU A 344 -1.11 -18.96 7.46
C LEU A 344 -0.68 -18.57 8.87
N GLY A 345 -1.63 -18.21 9.71
CA GLY A 345 -1.30 -17.85 11.08
C GLY A 345 -2.53 -17.67 11.93
N SER A 346 -2.40 -17.87 13.23
CA SER A 346 -3.44 -17.39 14.13
C SER A 346 -2.87 -16.75 15.38
N SER A 347 -3.72 -15.98 16.05
CA SER A 347 -3.35 -15.17 17.18
C SER A 347 -4.09 -15.65 18.38
N PRO A 348 -3.39 -15.77 19.53
CA PRO A 348 -4.10 -15.90 20.80
C PRO A 348 -4.72 -14.59 21.29
N VAL A 349 -4.46 -13.46 20.63
CA VAL A 349 -4.92 -12.14 21.09
C VAL A 349 -6.13 -11.71 20.28
N PRO A 350 -7.32 -11.68 20.86
CA PRO A 350 -8.54 -11.42 20.07
C PRO A 350 -8.56 -10.17 19.18
N HIS A 351 -8.01 -9.05 19.62
CA HIS A 351 -8.03 -7.83 18.78
C HIS A 351 -7.17 -8.01 17.52
N ILE A 352 -6.11 -8.80 17.63
CA ILE A 352 -5.25 -9.16 16.49
C ILE A 352 -5.99 -10.17 15.61
N GLN A 353 -6.65 -11.16 16.21
CA GLN A 353 -7.47 -12.10 15.43
C GLN A 353 -8.55 -11.32 14.65
N ARG A 354 -9.23 -10.41 15.33
CA ARG A 354 -10.31 -9.59 14.75
C ARG A 354 -9.80 -8.72 13.56
N GLU A 355 -8.60 -8.15 13.69
CA GLU A 355 -8.00 -7.29 12.67
C GLU A 355 -7.70 -8.08 11.39
N PHE A 356 -7.13 -9.28 11.55
CA PHE A 356 -6.84 -10.15 10.41
C PHE A 356 -8.10 -10.77 9.82
N GLU A 357 -9.08 -11.10 10.67
CA GLU A 357 -10.37 -11.59 10.22
C GLU A 357 -11.05 -10.62 9.25
N GLY A 358 -10.88 -9.31 9.52
CA GLY A 358 -11.39 -8.24 8.65
C GLY A 358 -10.72 -8.18 7.29
N ILE A 359 -9.40 -8.31 7.32
CA ILE A 359 -8.61 -8.37 6.08
C ILE A 359 -8.98 -9.61 5.26
N GLU A 360 -9.24 -10.72 5.95
CA GLU A 360 -9.54 -11.96 5.27
C GLU A 360 -10.83 -11.83 4.49
N GLN A 361 -11.89 -11.34 5.10
CA GLN A 361 -13.18 -11.11 4.44
C GLN A 361 -13.09 -10.23 3.19
N GLN A 362 -12.32 -9.15 3.36
CA GLN A 362 -11.96 -8.23 2.28
C GLN A 362 -11.43 -8.98 1.01
N PHE A 363 -10.74 -10.11 1.23
CA PHE A 363 -10.13 -10.93 0.17
C PHE A 363 -10.71 -12.37 0.02
N LYS A 364 -11.92 -12.63 0.50
CA LYS A 364 -12.54 -14.01 0.52
C LYS A 364 -12.14 -14.93 -0.63
N SER A 365 -12.47 -14.49 -1.85
CA SER A 365 -12.12 -15.20 -3.09
C SER A 365 -11.42 -14.27 -4.08
N HIS A 366 -10.47 -13.48 -3.56
CA HIS A 366 -9.60 -12.65 -4.40
C HIS A 366 -8.64 -13.56 -5.16
N ASP A 367 -8.27 -13.12 -6.35
CA ASP A 367 -7.35 -13.87 -7.18
C ASP A 367 -5.91 -13.98 -6.64
N HIS A 368 -5.48 -13.03 -5.81
CA HIS A 368 -4.08 -12.89 -5.44
C HIS A 368 -3.77 -12.90 -3.93
N VAL A 369 -4.78 -12.84 -3.06
CA VAL A 369 -4.55 -12.82 -1.62
C VAL A 369 -5.46 -13.80 -0.90
N ARG A 370 -4.87 -14.69 -0.09
CA ARG A 370 -5.67 -15.57 0.78
C ARG A 370 -5.06 -15.63 2.15
N LEU A 371 -5.92 -15.54 3.17
CA LEU A 371 -5.52 -15.57 4.57
C LEU A 371 -6.13 -16.80 5.20
N LEU A 372 -5.31 -17.60 5.85
CA LEU A 372 -5.76 -18.85 6.46
C LEU A 372 -5.51 -18.76 7.97
N LEU A 373 -6.54 -18.28 8.68
CA LEU A 373 -6.39 -17.91 10.08
C LEU A 373 -6.57 -19.12 10.98
N LYS A 374 -5.54 -19.94 11.04
CA LYS A 374 -5.56 -21.21 11.77
C LYS A 374 -4.15 -21.82 11.85
N TYR A 375 -3.97 -22.78 12.76
CA TYR A 375 -2.80 -23.63 12.83
C TYR A 375 -3.05 -24.80 11.89
N ASP A 376 -2.18 -25.04 10.91
CA ASP A 376 -2.33 -26.22 10.03
C ASP A 376 -0.97 -26.70 9.52
N GLU A 377 -0.58 -27.88 9.98
CA GLU A 377 0.71 -28.47 9.68
C GLU A 377 0.85 -28.82 8.21
N ALA A 378 -0.07 -29.62 7.72
CA ALA A 378 -0.05 -30.03 6.32
C ALA A 378 0.15 -28.80 5.41
N LEU A 379 -0.69 -27.78 5.62
CA LEU A 379 -0.68 -26.59 4.77
C LEU A 379 0.63 -25.81 4.79
N SER A 380 1.24 -25.68 5.97
CA SER A 380 2.55 -25.04 6.08
C SER A 380 3.58 -25.64 5.15
N HIS A 381 3.65 -26.98 5.12
CA HIS A 381 4.52 -27.64 4.16
C HIS A 381 4.32 -27.13 2.73
N THR A 382 3.09 -27.14 2.23
CA THR A 382 2.82 -26.75 0.83
C THR A 382 3.08 -25.25 0.62
N ILE A 383 2.92 -24.43 1.67
CA ILE A 383 3.20 -22.98 1.56
C ILE A 383 4.66 -22.69 1.45
N TYR A 384 5.48 -23.33 2.26
CA TYR A 384 6.95 -23.20 2.13
C TYR A 384 7.35 -23.64 0.70
N ALA A 385 6.86 -24.78 0.25
CA ALA A 385 7.19 -25.29 -1.07
C ALA A 385 6.78 -24.36 -2.20
N ALA A 386 5.52 -23.90 -2.15
CA ALA A 386 4.97 -23.07 -3.23
C ALA A 386 5.55 -21.66 -3.33
N SER A 387 5.93 -21.07 -2.21
CA SER A 387 6.23 -19.64 -2.16
C SER A 387 7.59 -19.33 -2.79
N ASP A 388 7.68 -18.17 -3.43
CA ASP A 388 8.94 -17.63 -3.95
C ASP A 388 9.66 -16.79 -2.92
N LEU A 389 8.87 -16.14 -2.05
CA LEU A 389 9.38 -15.26 -1.03
C LEU A 389 8.67 -15.57 0.29
N PHE A 390 9.37 -15.31 1.37
CA PHE A 390 8.90 -15.60 2.73
C PHE A 390 9.28 -14.48 3.68
N ILE A 391 8.31 -13.92 4.40
CA ILE A 391 8.59 -12.73 5.23
C ILE A 391 8.65 -13.01 6.74
N ILE A 392 9.64 -12.44 7.40
CA ILE A 392 9.80 -12.56 8.86
C ILE A 392 10.21 -11.16 9.36
N PRO A 393 9.24 -10.26 9.46
CA PRO A 393 9.57 -8.90 9.83
C PRO A 393 9.48 -8.67 11.35
N SER A 394 10.18 -9.50 12.12
CA SER A 394 9.98 -9.57 13.59
C SER A 394 10.48 -8.33 14.31
N ILE A 395 9.75 -7.94 15.36
CA ILE A 395 10.22 -6.88 16.27
C ILE A 395 11.44 -7.39 17.03
N PHE A 396 11.36 -8.64 17.49
CA PHE A 396 12.54 -9.38 18.02
C PHE A 396 12.36 -10.89 17.76
N GLU A 397 13.44 -11.63 17.73
CA GLU A 397 13.37 -13.01 17.32
C GLU A 397 14.59 -13.78 17.90
N PRO A 398 14.38 -14.49 19.04
CA PRO A 398 15.41 -15.28 19.68
C PRO A 398 16.19 -16.16 18.72
N CYS A 399 15.46 -16.86 17.86
CA CYS A 399 16.07 -17.55 16.73
C CYS A 399 15.22 -17.45 15.47
N GLY A 400 14.06 -18.07 15.50
CA GLY A 400 13.25 -18.24 14.32
C GLY A 400 13.73 -19.45 13.50
N LEU A 401 12.79 -20.30 13.15
CA LEU A 401 13.02 -21.48 12.35
C LEU A 401 12.42 -21.36 10.96
N THR A 402 11.36 -20.56 10.82
CA THR A 402 10.62 -20.49 9.56
C THR A 402 11.48 -19.98 8.39
N GLN A 403 12.41 -19.08 8.67
CA GLN A 403 13.34 -18.62 7.64
C GLN A 403 14.29 -19.74 7.18
N MET A 404 14.67 -20.63 8.09
CA MET A 404 15.51 -21.77 7.75
C MET A 404 14.70 -22.78 6.92
N ILE A 405 13.47 -23.05 7.33
CA ILE A 405 12.62 -23.98 6.60
C ILE A 405 12.34 -23.39 5.22
N ALA A 406 11.98 -22.10 5.14
CA ALA A 406 11.74 -21.48 3.85
C ALA A 406 12.94 -21.69 2.89
N MET A 407 14.14 -21.36 3.35
CA MET A 407 15.32 -21.53 2.49
C MET A 407 15.58 -22.99 2.09
N ARG A 408 15.30 -23.89 3.02
CA ARG A 408 15.40 -25.31 2.75
C ARG A 408 14.48 -25.72 1.59
N TYR A 409 13.30 -25.09 1.52
CA TYR A 409 12.31 -25.33 0.46
C TYR A 409 12.42 -24.32 -0.70
N GLY A 410 13.54 -23.59 -0.76
CA GLY A 410 13.83 -22.69 -1.85
C GLY A 410 13.13 -21.34 -1.84
N SER A 411 12.38 -21.01 -0.78
CA SER A 411 11.68 -19.74 -0.67
C SER A 411 12.64 -18.73 -0.03
N ILE A 412 12.80 -17.57 -0.66
CA ILE A 412 13.83 -16.59 -0.27
C ILE A 412 13.33 -15.62 0.78
N PRO A 413 14.04 -15.51 1.92
CA PRO A 413 13.49 -14.77 3.03
C PRO A 413 13.67 -13.28 2.94
N ILE A 414 12.73 -12.56 3.52
CA ILE A 414 12.80 -11.15 3.74
C ILE A 414 12.60 -10.97 5.25
N ALA A 415 13.64 -10.45 5.91
CA ALA A 415 13.73 -10.52 7.36
C ALA A 415 14.25 -9.24 7.95
N ARG A 416 13.77 -8.91 9.15
CA ARG A 416 14.36 -7.81 9.89
C ARG A 416 15.63 -8.26 10.60
N LYS A 417 16.65 -7.40 10.63
CA LYS A 417 17.95 -7.72 11.23
C LYS A 417 17.87 -7.66 12.74
N THR A 418 17.50 -8.77 13.34
CA THR A 418 17.31 -8.81 14.75
C THR A 418 17.43 -10.24 15.22
N GLY A 419 18.07 -10.42 16.36
CA GLY A 419 18.25 -11.76 16.98
C GLY A 419 18.74 -12.80 16.02
N GLY A 420 18.11 -13.95 15.98
CA GLY A 420 18.55 -15.04 15.14
C GLY A 420 18.52 -14.78 13.67
N LEU A 421 17.67 -13.85 13.24
CA LEU A 421 17.51 -13.54 11.83
C LEU A 421 18.79 -12.88 11.35
N ASN A 422 19.40 -12.13 12.23
CA ASN A 422 20.69 -11.51 11.96
C ASN A 422 21.86 -12.51 11.78
N ASP A 423 21.71 -13.70 12.33
CA ASP A 423 22.65 -14.81 12.23
C ASP A 423 22.35 -15.81 11.13
N SER A 424 21.17 -15.74 10.50
CA SER A 424 20.80 -16.67 9.42
C SER A 424 20.38 -16.05 8.06
N VAL A 425 20.08 -14.74 8.02
CA VAL A 425 19.62 -14.07 6.81
C VAL A 425 20.54 -12.90 6.46
N PHE A 426 21.07 -12.94 5.26
CA PHE A 426 22.08 -12.02 4.77
C PHE A 426 21.68 -11.46 3.39
N ASP A 427 21.54 -10.15 3.33
CA ASP A 427 21.12 -9.44 2.12
C ASP A 427 22.08 -9.62 0.94
N ILE A 428 21.52 -10.03 -0.20
CA ILE A 428 22.32 -10.22 -1.44
C ILE A 428 22.87 -8.92 -2.07
N ASP A 429 22.31 -7.77 -1.72
CA ASP A 429 22.82 -6.47 -2.19
C ASP A 429 23.83 -5.79 -1.22
N ASP A 430 24.17 -6.36 -0.08
CA ASP A 430 25.21 -5.79 0.82
C ASP A 430 26.61 -6.36 0.49
N ASP A 431 27.44 -5.54 -0.13
CA ASP A 431 28.81 -5.95 -0.54
C ASP A 431 29.67 -6.41 0.61
N THR A 432 29.50 -5.84 1.81
CA THR A 432 30.32 -6.19 2.99
C THR A 432 30.15 -7.60 3.47
N ILE A 433 29.03 -8.23 3.11
CA ILE A 433 28.75 -9.63 3.46
C ILE A 433 29.42 -10.56 2.45
N PRO A 434 30.25 -11.50 2.92
CA PRO A 434 30.86 -12.43 1.97
C PRO A 434 29.82 -13.21 1.19
N THR A 435 30.17 -13.50 -0.04
CA THR A 435 29.28 -14.02 -1.02
C THR A 435 28.62 -15.37 -0.63
N GLN A 436 29.33 -16.20 0.14
CA GLN A 436 28.83 -17.52 0.51
C GLN A 436 27.62 -17.46 1.47
N PHE A 437 27.53 -16.41 2.28
CA PHE A 437 26.45 -16.30 3.26
C PHE A 437 25.19 -15.68 2.66
N GLN A 438 25.35 -14.86 1.64
CA GLN A 438 24.26 -14.08 1.03
C GLN A 438 23.10 -15.00 0.58
N ASN A 439 21.91 -14.81 1.14
CA ASN A 439 20.80 -15.73 0.88
C ASN A 439 19.42 -15.12 0.83
N GLY A 440 19.29 -13.80 0.91
CA GLY A 440 17.96 -13.20 1.00
C GLY A 440 17.99 -11.69 1.04
N PHE A 441 17.01 -11.12 1.73
CA PHE A 441 16.86 -9.67 1.83
C PHE A 441 16.55 -9.28 3.25
N THR A 442 17.22 -8.21 3.73
CA THR A 442 17.02 -7.73 5.09
C THR A 442 16.72 -6.25 5.17
N PHE A 443 16.23 -5.81 6.30
CA PHE A 443 16.10 -4.38 6.60
C PHE A 443 16.30 -4.14 8.09
N GLN A 444 16.69 -2.92 8.44
CA GLN A 444 17.01 -2.57 9.80
C GLN A 444 15.77 -2.11 10.59
N THR A 445 15.20 -1.00 10.20
CA THR A 445 14.18 -0.33 11.00
C THR A 445 12.82 -1.00 10.88
N ALA A 446 12.10 -1.10 11.99
CA ALA A 446 10.81 -1.76 12.03
C ALA A 446 9.66 -0.85 11.60
N ASP A 447 9.73 -0.33 10.37
CA ASP A 447 8.67 0.53 9.81
C ASP A 447 8.42 0.20 8.32
N GLU A 448 7.37 0.80 7.75
CA GLU A 448 6.97 0.45 6.40
C GLU A 448 8.03 0.85 5.38
N GLN A 449 8.64 1.99 5.60
CA GLN A 449 9.73 2.46 4.76
C GLN A 449 10.87 1.41 4.65
N GLY A 450 11.34 0.91 5.80
CA GLY A 450 12.41 -0.07 5.81
C GLY A 450 12.00 -1.34 5.10
N PHE A 451 10.82 -1.86 5.46
CA PHE A 451 10.30 -3.07 4.86
C PHE A 451 10.13 -2.91 3.34
N ASN A 452 9.55 -1.79 2.92
CA ASN A 452 9.32 -1.50 1.46
C ASN A 452 10.57 -1.63 0.59
N TYR A 453 11.69 -1.11 1.05
CA TYR A 453 12.93 -1.18 0.29
C TYR A 453 13.41 -2.62 0.11
N ALA A 454 13.33 -3.45 1.15
CA ALA A 454 13.64 -4.87 0.99
C ALA A 454 12.66 -5.58 0.04
N LEU A 455 11.38 -5.30 0.18
CA LEU A 455 10.37 -5.94 -0.67
C LEU A 455 10.53 -5.51 -2.14
N GLU A 456 10.71 -4.21 -2.38
CA GLU A 456 10.97 -3.65 -3.72
C GLU A 456 12.14 -4.37 -4.38
N ARG A 457 13.26 -4.51 -3.67
CA ARG A 457 14.45 -5.17 -4.25
C ARG A 457 14.21 -6.62 -4.52
N ALA A 458 13.48 -7.29 -3.65
CA ALA A 458 13.18 -8.70 -3.83
C ALA A 458 12.31 -8.92 -5.06
N PHE A 459 11.29 -8.08 -5.23
CA PHE A 459 10.42 -8.14 -6.44
C PHE A 459 11.17 -7.82 -7.72
N ASN A 460 12.03 -6.81 -7.67
CA ASN A 460 12.96 -6.48 -8.79
C ASN A 460 13.84 -7.67 -9.17
N HIS A 461 14.55 -8.23 -8.19
CA HIS A 461 15.42 -9.40 -8.42
C HIS A 461 14.64 -10.57 -9.04
N TYR A 462 13.46 -10.87 -8.49
CA TYR A 462 12.62 -11.95 -9.00
C TYR A 462 12.20 -11.72 -10.45
N LYS A 463 11.70 -10.53 -10.75
CA LYS A 463 11.15 -10.20 -12.08
C LYS A 463 12.20 -9.96 -13.17
N LYS A 464 13.33 -9.30 -12.88
CA LYS A 464 14.20 -8.77 -13.95
C LYS A 464 15.10 -9.85 -14.61
N ASP A 465 15.51 -10.88 -13.84
CA ASP A 465 16.43 -11.89 -14.33
C ASP A 465 16.12 -13.28 -13.73
N GLU A 466 15.30 -14.03 -14.47
CA GLU A 466 14.80 -15.30 -13.99
C GLU A 466 15.89 -16.35 -13.68
N GLU A 467 16.93 -16.40 -14.48
CA GLU A 467 18.01 -17.37 -14.29
C GLU A 467 18.96 -16.98 -13.16
N LYS A 468 19.18 -15.69 -12.94
CA LYS A 468 19.96 -15.20 -11.79
C LYS A 468 19.23 -15.54 -10.49
N TRP A 469 17.92 -15.37 -10.52
CA TRP A 469 17.04 -15.75 -9.44
C TRP A 469 17.09 -17.24 -9.16
N MET A 470 17.08 -18.05 -10.22
CA MET A 470 17.10 -19.50 -10.08
C MET A 470 18.40 -20.00 -9.42
N ARG A 471 19.50 -19.29 -9.68
CA ARG A 471 20.77 -19.58 -9.00
C ARG A 471 20.71 -19.28 -7.53
N LEU A 472 20.04 -18.18 -7.17
CA LEU A 472 19.86 -17.80 -5.79
C LEU A 472 19.06 -18.89 -5.04
N VAL A 473 17.98 -19.39 -5.68
CA VAL A 473 17.18 -20.50 -5.14
C VAL A 473 18.05 -21.74 -4.93
N GLU A 474 18.77 -22.15 -5.98
CA GLU A 474 19.70 -23.30 -5.90
C GLU A 474 20.71 -23.19 -4.75
N LYS A 475 21.28 -22.01 -4.63
CA LYS A 475 22.32 -21.77 -3.64
C LYS A 475 21.80 -21.89 -2.22
N VAL A 476 20.65 -21.28 -1.99
CA VAL A 476 20.00 -21.22 -0.70
C VAL A 476 19.52 -22.62 -0.26
N MET A 477 19.03 -23.39 -1.24
CA MET A 477 18.65 -24.78 -1.00
C MET A 477 19.83 -25.72 -0.65
N SER A 478 21.06 -25.34 -1.00
CA SER A 478 22.29 -26.07 -0.67
C SER A 478 22.97 -25.68 0.64
N ILE A 479 22.39 -24.76 1.39
CA ILE A 479 22.94 -24.41 2.72
C ILE A 479 22.57 -25.50 3.75
N ASP A 480 23.52 -25.82 4.64
CA ASP A 480 23.31 -26.82 5.68
C ASP A 480 22.56 -26.14 6.84
N PHE A 481 21.29 -26.49 7.00
CA PHE A 481 20.47 -26.06 8.14
C PHE A 481 20.31 -27.15 9.19
N SER A 482 20.97 -28.28 9.01
CA SER A 482 20.83 -29.38 9.96
C SER A 482 21.35 -29.02 11.37
N TRP A 483 21.13 -29.89 12.36
CA TRP A 483 21.72 -29.70 13.69
C TRP A 483 23.20 -30.08 13.77
N GLY A 484 23.76 -30.74 12.76
CA GLY A 484 25.18 -31.13 12.75
C GLY A 484 26.12 -30.23 13.56
N SER A 485 26.19 -28.99 13.13
CA SER A 485 27.10 -28.02 13.72
C SER A 485 26.74 -27.65 15.19
N SER A 486 25.49 -27.27 15.42
CA SER A 486 25.04 -26.83 16.74
C SER A 486 24.85 -27.96 17.76
N ALA A 487 24.47 -29.16 17.30
CA ALA A 487 24.45 -30.32 18.19
C ALA A 487 25.84 -30.68 18.73
N THR A 488 26.85 -30.56 17.88
CA THR A 488 28.26 -30.67 18.31
C THR A 488 28.65 -29.63 19.38
N GLN A 489 28.17 -28.40 19.28
CA GLN A 489 28.46 -27.39 20.33
C GLN A 489 27.78 -27.72 21.67
N TYR A 490 26.53 -28.19 21.63
CA TYR A 490 25.86 -28.66 22.85
C TYR A 490 26.59 -29.88 23.48
N GLU A 491 26.98 -30.82 22.63
CA GLU A 491 27.71 -32.00 23.04
C GLU A 491 29.00 -31.64 23.80
N GLU A 492 29.76 -30.67 23.24
CA GLU A 492 31.01 -30.18 23.87
C GLU A 492 30.75 -29.49 25.21
N LEU A 493 29.60 -28.80 25.35
CA LEU A 493 29.20 -28.25 26.64
C LEU A 493 28.86 -29.35 27.65
N TYR A 494 28.13 -30.38 27.19
CA TYR A 494 27.79 -31.54 28.02
C TYR A 494 29.02 -32.27 28.56
N THR A 495 29.91 -32.67 27.65
CA THR A 495 31.13 -33.39 28.04
C THR A 495 32.04 -32.56 28.95
N ARG A 496 32.24 -31.28 28.65
CA ARG A 496 33.10 -30.41 29.45
C ARG A 496 32.56 -30.21 30.85
N SER A 497 31.23 -30.15 30.98
CA SER A 497 30.62 -30.07 32.31
C SER A 497 30.69 -31.38 33.12
N VAL A 498 30.49 -32.51 32.44
CA VAL A 498 30.63 -33.83 33.06
C VAL A 498 32.06 -34.05 33.59
N SER A 499 33.06 -33.65 32.79
CA SER A 499 34.45 -33.88 33.20
C SER A 499 34.72 -33.06 34.48
N ARG A 500 34.46 -31.74 34.40
CA ARG A 500 34.58 -30.77 35.54
C ARG A 500 33.98 -31.22 36.90
N SER B 8 -24.07 50.11 -23.03
CA SER B 8 -23.53 49.92 -21.64
C SER B 8 -22.88 48.52 -21.38
N GLY B 9 -23.20 47.53 -22.21
CA GLY B 9 -22.50 46.24 -22.24
C GLY B 9 -21.67 46.03 -23.52
N LEU B 10 -20.60 45.26 -23.39
CA LEU B 10 -19.77 44.84 -24.51
C LEU B 10 -20.35 43.68 -25.31
N TYR B 11 -19.92 43.59 -26.57
CA TYR B 11 -20.20 42.48 -27.45
C TYR B 11 -18.93 41.62 -27.52
N VAL B 12 -19.02 40.43 -26.95
CA VAL B 12 -17.88 39.53 -26.76
C VAL B 12 -18.11 38.21 -27.51
N VAL B 13 -17.19 37.88 -28.40
CA VAL B 13 -17.23 36.60 -29.11
C VAL B 13 -16.09 35.68 -28.63
N HIS B 14 -16.42 34.44 -28.28
CA HIS B 14 -15.44 33.42 -27.92
C HIS B 14 -15.33 32.44 -29.05
N ILE B 15 -14.11 32.19 -29.48
CA ILE B 15 -13.82 31.22 -30.53
C ILE B 15 -13.03 30.13 -29.84
N ALA B 16 -13.50 28.89 -29.89
CA ALA B 16 -12.85 27.80 -29.19
C ALA B 16 -13.20 26.47 -29.83
N ALA B 17 -12.42 25.45 -29.49
CA ALA B 17 -12.65 24.11 -29.94
C ALA B 17 -13.61 23.32 -29.04
N GLU B 18 -13.94 23.87 -27.85
CA GLU B 18 -14.85 23.23 -26.91
C GLU B 18 -15.82 24.19 -26.23
N MET B 19 -16.96 23.64 -25.85
CA MET B 19 -17.89 24.27 -24.95
C MET B 19 -18.74 23.18 -24.28
N ALA B 20 -18.72 23.20 -22.97
CA ALA B 20 -19.52 22.27 -22.17
C ALA B 20 -20.99 22.67 -22.25
N PRO B 21 -21.91 21.72 -22.38
CA PRO B 21 -21.71 20.26 -22.48
C PRO B 21 -21.73 19.70 -23.90
N VAL B 22 -22.05 20.54 -24.88
CA VAL B 22 -22.17 20.12 -26.29
C VAL B 22 -20.87 19.54 -26.90
N ALA B 23 -19.73 20.09 -26.54
CA ALA B 23 -18.44 19.64 -27.12
C ALA B 23 -17.35 19.82 -26.08
N LYS B 24 -17.09 18.77 -25.31
CA LYS B 24 -16.25 18.83 -24.14
C LYS B 24 -15.30 17.64 -24.06
N VAL B 25 -14.04 17.95 -23.83
CA VAL B 25 -13.00 16.96 -23.53
C VAL B 25 -12.51 17.09 -22.08
N GLY B 26 -12.22 18.30 -21.65
CA GLY B 26 -11.96 18.55 -20.24
C GLY B 26 -12.37 19.93 -19.80
N GLY B 27 -11.46 20.60 -19.10
CA GLY B 27 -11.80 21.82 -18.40
C GLY B 27 -11.97 23.02 -19.31
N LEU B 28 -11.33 22.98 -20.49
CA LEU B 28 -11.42 24.09 -21.43
C LEU B 28 -12.88 24.33 -21.80
N GLY B 29 -13.54 23.29 -22.23
CA GLY B 29 -14.96 23.35 -22.49
C GLY B 29 -15.78 23.88 -21.34
N ASP B 30 -15.45 23.48 -20.10
CA ASP B 30 -16.16 23.96 -18.92
C ASP B 30 -16.01 25.48 -18.78
N VAL B 31 -14.79 25.95 -18.99
CA VAL B 31 -14.45 27.35 -18.82
C VAL B 31 -15.14 28.25 -19.85
N VAL B 32 -15.18 27.80 -21.09
CA VAL B 32 -15.78 28.60 -22.14
C VAL B 32 -17.25 28.87 -21.78
N ALA B 33 -17.97 27.83 -21.38
CA ALA B 33 -19.38 27.96 -20.96
C ALA B 33 -19.53 28.80 -19.66
N GLY B 34 -18.69 28.51 -18.69
CA GLY B 34 -18.79 29.14 -17.39
C GLY B 34 -18.51 30.63 -17.39
N LEU B 35 -17.41 30.98 -18.00
CA LEU B 35 -17.07 32.40 -18.18
C LEU B 35 -18.07 33.09 -19.13
N GLY B 36 -18.47 32.40 -20.19
CA GLY B 36 -19.50 32.87 -21.10
C GLY B 36 -20.78 33.28 -20.38
N LYS B 37 -21.29 32.39 -19.50
CA LYS B 37 -22.53 32.67 -18.78
C LYS B 37 -22.35 33.78 -17.78
N ALA B 38 -21.23 33.80 -17.07
CA ALA B 38 -20.98 34.85 -16.09
C ALA B 38 -20.99 36.21 -16.77
N LEU B 39 -20.37 36.31 -17.94
CA LEU B 39 -20.36 37.54 -18.74
C LEU B 39 -21.75 37.92 -19.23
N GLN B 40 -22.50 36.94 -19.73
CA GLN B 40 -23.88 37.18 -20.08
C GLN B 40 -24.75 37.72 -18.91
N ARG B 41 -24.58 37.22 -17.68
CA ARG B 41 -25.29 37.78 -16.51
C ARG B 41 -24.91 39.22 -16.21
N LYS B 42 -23.65 39.58 -16.49
CA LYS B 42 -23.20 40.97 -16.33
C LYS B 42 -23.72 41.93 -17.39
N GLY B 43 -24.50 41.44 -18.36
CA GLY B 43 -25.20 42.25 -19.35
C GLY B 43 -24.50 42.37 -20.70
N HIS B 44 -23.49 41.56 -20.94
CA HIS B 44 -22.78 41.58 -22.21
C HIS B 44 -23.46 40.65 -23.20
N LEU B 45 -23.41 41.03 -24.46
CA LEU B 45 -23.86 40.19 -25.54
C LEU B 45 -22.74 39.20 -25.80
N VAL B 46 -22.90 37.96 -25.33
CA VAL B 46 -21.87 36.95 -25.45
C VAL B 46 -22.29 35.95 -26.51
N GLU B 47 -21.38 35.61 -27.40
CA GLU B 47 -21.63 34.65 -28.48
C GLU B 47 -20.44 33.72 -28.59
N ILE B 48 -20.71 32.48 -29.00
CA ILE B 48 -19.66 31.49 -29.11
C ILE B 48 -19.65 30.88 -30.49
N ILE B 49 -18.46 30.65 -31.02
CA ILE B 49 -18.28 30.02 -32.30
C ILE B 49 -17.49 28.74 -32.09
N LEU B 50 -18.08 27.61 -32.52
CA LEU B 50 -17.50 26.27 -32.41
C LEU B 50 -17.48 25.59 -33.77
N PRO B 51 -16.69 24.51 -33.90
CA PRO B 51 -16.93 23.64 -35.01
C PRO B 51 -18.21 22.84 -34.82
N LYS B 52 -18.75 22.36 -35.92
CA LYS B 52 -19.80 21.35 -35.87
C LYS B 52 -19.14 19.99 -35.93
N TYR B 53 -18.79 19.46 -34.77
CA TYR B 53 -18.25 18.10 -34.71
C TYR B 53 -19.38 17.11 -34.93
N ASP B 54 -19.06 16.01 -35.59
CA ASP B 54 -19.98 14.87 -35.67
C ASP B 54 -20.22 14.23 -34.28
N CYS B 55 -19.23 14.30 -33.42
CA CYS B 55 -19.28 13.64 -32.12
C CYS B 55 -19.77 14.59 -31.03
N MET B 56 -20.40 15.72 -31.41
CA MET B 56 -20.94 16.65 -30.42
C MET B 56 -22.20 16.07 -29.78
N GLN B 57 -22.54 16.57 -28.61
CA GLN B 57 -23.71 16.11 -27.87
C GLN B 57 -24.94 16.98 -28.23
N TYR B 58 -25.84 16.42 -29.02
CA TYR B 58 -26.88 17.20 -29.70
C TYR B 58 -28.04 17.56 -28.83
N ASP B 59 -28.38 16.71 -27.89
CA ASP B 59 -29.57 16.92 -27.05
C ASP B 59 -29.43 18.01 -25.97
N ARG B 60 -28.36 18.77 -26.04
CA ARG B 60 -28.15 19.92 -25.15
C ARG B 60 -28.23 21.22 -25.96
N VAL B 61 -28.73 21.15 -27.18
CA VAL B 61 -28.77 22.23 -28.13
C VAL B 61 -30.24 22.49 -28.43
N ARG B 62 -30.70 23.71 -28.16
CA ARG B 62 -32.05 24.15 -28.53
C ARG B 62 -32.05 24.88 -29.87
N ASP B 63 -33.17 24.74 -30.58
CA ASP B 63 -33.44 25.49 -31.80
C ASP B 63 -32.27 25.45 -32.80
N LEU B 64 -31.74 24.25 -33.01
CA LEU B 64 -30.63 24.03 -33.90
C LEU B 64 -31.12 24.11 -35.33
N ARG B 65 -30.47 24.92 -36.15
CA ARG B 65 -30.81 25.01 -37.58
C ARG B 65 -29.65 25.46 -38.40
N ALA B 66 -29.68 25.08 -39.67
CA ALA B 66 -28.70 25.53 -40.65
C ALA B 66 -29.23 26.83 -41.25
N LEU B 67 -28.36 27.84 -41.29
CA LEU B 67 -28.65 29.08 -42.01
C LEU B 67 -28.56 28.85 -43.50
N ASP B 68 -29.29 29.67 -44.24
CA ASP B 68 -29.40 29.51 -45.69
C ASP B 68 -28.17 30.12 -46.39
N THR B 69 -27.66 31.19 -45.80
CA THR B 69 -26.43 31.87 -46.26
C THR B 69 -25.19 31.00 -46.00
N VAL B 70 -24.55 30.57 -47.07
CA VAL B 70 -23.24 29.89 -47.01
C VAL B 70 -22.12 30.96 -46.79
N VAL B 71 -21.04 30.58 -46.12
CA VAL B 71 -19.88 31.45 -45.90
C VAL B 71 -18.63 30.82 -46.49
N GLU B 72 -18.12 31.48 -47.54
CA GLU B 72 -16.90 31.07 -48.23
C GLU B 72 -15.69 31.47 -47.42
N SER B 73 -14.75 30.54 -47.29
CA SER B 73 -13.57 30.70 -46.42
C SER B 73 -12.33 30.28 -47.19
N TYR B 74 -11.21 30.92 -46.90
CA TYR B 74 -9.96 30.64 -47.62
C TYR B 74 -9.18 29.49 -46.98
N PHE B 75 -8.59 28.65 -47.84
CA PHE B 75 -7.60 27.66 -47.41
C PHE B 75 -6.77 27.17 -48.61
N ASP B 76 -5.44 27.16 -48.50
CA ASP B 76 -4.52 26.70 -49.56
C ASP B 76 -4.78 27.39 -50.90
N GLY B 77 -5.00 28.70 -50.87
CA GLY B 77 -5.26 29.52 -52.08
C GLY B 77 -6.62 29.43 -52.76
N LYS B 78 -7.50 28.55 -52.27
CA LYS B 78 -8.86 28.34 -52.79
C LYS B 78 -9.86 28.79 -51.73
N LEU B 79 -11.09 29.09 -52.17
CA LEU B 79 -12.22 29.34 -51.29
C LEU B 79 -13.04 28.04 -51.10
N TYR B 80 -13.55 27.85 -49.90
CA TYR B 80 -14.38 26.69 -49.57
C TYR B 80 -15.69 27.11 -48.90
N LYS B 81 -16.73 26.32 -49.17
CA LYS B 81 -18.03 26.54 -48.59
C LYS B 81 -18.13 26.04 -47.17
N ASN B 82 -18.77 26.84 -46.32
CA ASN B 82 -19.08 26.45 -44.95
C ASN B 82 -20.58 26.62 -44.69
N LYS B 83 -21.25 25.55 -44.23
CA LYS B 83 -22.61 25.65 -43.70
C LYS B 83 -22.50 26.20 -42.28
N ILE B 84 -23.27 27.24 -41.98
CA ILE B 84 -23.33 27.81 -40.64
C ILE B 84 -24.62 27.34 -39.95
N TRP B 85 -24.48 26.84 -38.72
CA TRP B 85 -25.60 26.39 -37.91
C TRP B 85 -25.71 27.28 -36.67
N ILE B 86 -26.91 27.50 -36.16
CA ILE B 86 -27.05 28.22 -34.89
C ILE B 86 -27.96 27.45 -33.96
N GLY B 87 -27.77 27.72 -32.69
CA GLY B 87 -28.60 27.16 -31.68
C GLY B 87 -28.20 27.75 -30.35
N THR B 88 -28.80 27.25 -29.29
CA THR B 88 -28.62 27.85 -27.98
C THR B 88 -28.20 26.74 -27.06
N VAL B 89 -27.09 26.94 -26.37
CA VAL B 89 -26.55 25.98 -25.43
C VAL B 89 -26.48 26.67 -24.08
N GLU B 90 -27.37 26.22 -23.21
CA GLU B 90 -27.57 26.73 -21.85
C GLU B 90 -27.66 28.25 -21.77
N GLY B 91 -28.54 28.78 -22.62
CA GLY B 91 -28.75 30.21 -22.73
C GLY B 91 -27.76 31.00 -23.54
N LEU B 92 -26.65 30.41 -23.95
CA LEU B 92 -25.70 31.12 -24.82
C LEU B 92 -25.98 30.88 -26.31
N PRO B 93 -26.00 31.93 -27.12
CA PRO B 93 -26.07 31.70 -28.58
C PRO B 93 -24.76 31.11 -29.12
N VAL B 94 -24.89 30.10 -29.98
CA VAL B 94 -23.73 29.43 -30.56
C VAL B 94 -23.86 29.35 -32.08
N HIS B 95 -22.71 29.52 -32.76
CA HIS B 95 -22.58 29.34 -34.18
C HIS B 95 -21.65 28.14 -34.40
N PHE B 96 -22.15 27.09 -35.02
CA PHE B 96 -21.37 25.89 -35.34
C PHE B 96 -20.99 25.93 -36.83
N ILE B 97 -19.69 25.83 -37.12
CA ILE B 97 -19.22 25.88 -38.49
C ILE B 97 -19.08 24.45 -39.01
N GLU B 98 -19.80 24.16 -40.11
CA GLU B 98 -19.68 22.89 -40.82
C GLU B 98 -18.94 23.07 -42.15
N PRO B 99 -17.61 22.77 -42.19
CA PRO B 99 -16.90 22.92 -43.46
C PRO B 99 -17.27 21.89 -44.50
N GLN B 100 -17.25 22.35 -45.75
CA GLN B 100 -17.54 21.48 -46.88
C GLN B 100 -16.24 21.17 -47.63
N HIS B 101 -15.13 21.01 -46.93
CA HIS B 101 -13.83 20.84 -47.53
C HIS B 101 -13.66 19.34 -47.66
N PRO B 102 -13.12 18.85 -48.79
CA PRO B 102 -13.05 17.37 -49.01
C PRO B 102 -12.39 16.55 -47.91
N SER B 103 -11.47 17.16 -47.14
CA SER B 103 -10.78 16.52 -45.99
C SER B 103 -11.66 16.23 -44.75
N LYS B 104 -12.86 16.80 -44.70
CA LYS B 104 -13.87 16.44 -43.69
C LYS B 104 -13.33 16.63 -42.30
N PHE B 105 -12.95 17.87 -42.03
CA PHE B 105 -12.16 18.17 -40.84
C PHE B 105 -12.88 17.81 -39.54
N PHE B 106 -14.18 18.04 -39.48
CA PHE B 106 -14.94 17.78 -38.26
C PHE B 106 -15.95 16.65 -38.38
N TRP B 107 -15.54 15.61 -39.10
CA TRP B 107 -16.32 14.43 -39.37
C TRP B 107 -15.45 13.19 -39.11
N ARG B 108 -14.65 13.23 -38.05
CA ARG B 108 -13.63 12.21 -37.75
C ARG B 108 -13.95 11.33 -36.55
N GLY B 109 -15.08 11.56 -35.90
CA GLY B 109 -15.46 10.78 -34.71
C GLY B 109 -14.75 11.19 -33.43
N GLN B 110 -13.96 12.26 -33.49
CA GLN B 110 -13.12 12.72 -32.40
C GLN B 110 -13.09 14.24 -32.36
N PHE B 111 -12.92 14.78 -31.15
CA PHE B 111 -12.60 16.20 -31.01
C PHE B 111 -11.14 16.49 -31.40
N TYR B 112 -10.22 15.80 -30.74
CA TYR B 112 -8.78 16.02 -30.92
C TYR B 112 -8.08 14.74 -31.26
N GLY B 113 -6.83 14.86 -31.72
CA GLY B 113 -5.94 13.71 -31.92
C GLY B 113 -5.79 13.18 -33.33
N GLU B 114 -6.28 13.91 -34.31
CA GLU B 114 -6.04 13.55 -35.70
C GLU B 114 -4.65 13.96 -36.14
N GLN B 115 -4.13 13.28 -37.15
CA GLN B 115 -2.78 13.54 -37.67
C GLN B 115 -2.67 14.96 -38.25
N ASP B 116 -3.76 15.48 -38.79
CA ASP B 116 -3.78 16.81 -39.36
C ASP B 116 -4.51 17.86 -38.48
N ASP B 117 -4.37 17.75 -37.15
CA ASP B 117 -5.01 18.72 -36.24
C ASP B 117 -4.71 20.20 -36.59
N PHE B 118 -3.45 20.46 -36.97
CA PHE B 118 -3.01 21.79 -37.30
C PHE B 118 -3.86 22.40 -38.42
N ARG B 119 -4.06 21.62 -39.47
CA ARG B 119 -4.89 22.05 -40.60
C ARG B 119 -6.34 22.23 -40.19
N ARG B 120 -6.86 21.23 -39.47
CA ARG B 120 -8.23 21.23 -38.95
C ARG B 120 -8.52 22.55 -38.23
N PHE B 121 -7.71 22.91 -37.24
CA PHE B 121 -8.05 24.05 -36.42
C PHE B 121 -7.61 25.43 -36.97
N SER B 122 -6.53 25.47 -37.76
CA SER B 122 -6.23 26.70 -38.48
C SER B 122 -7.32 27.02 -39.53
N TYR B 123 -7.88 26.01 -40.18
CA TYR B 123 -9.04 26.25 -41.07
C TYR B 123 -10.20 26.88 -40.31
N PHE B 124 -10.57 26.22 -39.21
CA PHE B 124 -11.65 26.65 -38.36
C PHE B 124 -11.47 28.11 -37.91
N SER B 125 -10.24 28.43 -37.49
CA SER B 125 -9.90 29.77 -37.01
C SER B 125 -10.16 30.80 -38.09
N ARG B 126 -9.73 30.46 -39.33
CA ARG B 126 -9.95 31.38 -40.46
C ARG B 126 -11.44 31.54 -40.73
N ALA B 127 -12.13 30.40 -40.92
CA ALA B 127 -13.57 30.41 -41.18
C ALA B 127 -14.34 31.16 -40.09
N ALA B 128 -13.91 31.09 -38.83
CA ALA B 128 -14.59 31.81 -37.73
C ALA B 128 -14.55 33.33 -37.90
N LEU B 129 -13.37 33.86 -38.23
CA LEU B 129 -13.23 35.27 -38.54
C LEU B 129 -14.03 35.69 -39.78
N GLU B 130 -14.03 34.83 -40.80
CA GLU B 130 -14.78 35.03 -42.01
C GLU B 130 -16.29 35.11 -41.73
N LEU B 131 -16.80 34.23 -40.87
CA LEU B 131 -18.18 34.29 -40.47
C LEU B 131 -18.51 35.65 -39.86
N LEU B 132 -17.63 36.15 -38.99
CA LEU B 132 -17.85 37.47 -38.37
C LEU B 132 -17.90 38.63 -39.40
N LEU B 133 -16.88 38.67 -40.27
CA LEU B 133 -16.79 39.66 -41.31
C LEU B 133 -18.07 39.65 -42.13
N GLN B 134 -18.40 38.49 -42.70
CA GLN B 134 -19.50 38.39 -43.67
C GLN B 134 -20.90 38.64 -43.09
N SER B 135 -21.09 38.56 -41.77
CA SER B 135 -22.36 38.96 -41.14
C SER B 135 -22.35 40.38 -40.64
N GLY B 136 -21.31 41.16 -40.97
CA GLY B 136 -21.18 42.51 -40.48
C GLY B 136 -21.16 42.65 -38.97
N LYS B 137 -20.74 41.63 -38.25
CA LYS B 137 -20.66 41.72 -36.80
C LYS B 137 -19.46 42.60 -36.43
N LYS B 138 -19.64 43.43 -35.40
CA LYS B 138 -18.59 44.31 -34.94
C LYS B 138 -18.37 44.11 -33.45
N PRO B 139 -17.71 42.98 -33.07
CA PRO B 139 -17.45 42.73 -31.65
C PRO B 139 -16.40 43.67 -31.06
N ASP B 140 -16.61 44.02 -29.80
CA ASP B 140 -15.67 44.78 -29.03
C ASP B 140 -14.48 43.90 -28.59
N ILE B 141 -14.77 42.65 -28.25
CA ILE B 141 -13.78 41.64 -27.78
C ILE B 141 -13.95 40.36 -28.56
N ILE B 142 -12.86 39.83 -29.08
CA ILE B 142 -12.81 38.46 -29.57
C ILE B 142 -11.82 37.75 -28.62
N HIS B 143 -12.32 36.70 -27.96
CA HIS B 143 -11.57 35.97 -26.97
C HIS B 143 -11.32 34.57 -27.54
N CYS B 144 -10.06 34.22 -27.79
CA CYS B 144 -9.75 32.88 -28.28
C CYS B 144 -9.05 32.01 -27.22
N HIS B 145 -9.11 30.68 -27.41
CA HIS B 145 -8.64 29.69 -26.41
C HIS B 145 -7.67 28.62 -26.95
N ASP B 146 -6.47 28.58 -26.38
CA ASP B 146 -5.47 27.52 -26.63
C ASP B 146 -4.95 27.47 -28.07
N TRP B 147 -4.04 26.54 -28.35
CA TRP B 147 -3.34 26.58 -29.64
C TRP B 147 -4.29 26.48 -30.84
N GLN B 148 -5.37 25.72 -30.69
CA GLN B 148 -6.30 25.49 -31.79
C GLN B 148 -6.91 26.79 -32.39
N THR B 149 -7.18 27.77 -31.54
CA THR B 149 -7.66 29.06 -32.01
C THR B 149 -6.68 30.23 -31.76
N ALA B 150 -5.44 29.90 -31.50
CA ALA B 150 -4.37 30.89 -31.38
C ALA B 150 -4.16 31.63 -32.69
N PHE B 151 -4.41 30.95 -33.80
CA PHE B 151 -4.30 31.52 -35.13
C PHE B 151 -5.17 32.76 -35.35
N VAL B 152 -6.24 32.90 -34.57
CA VAL B 152 -7.12 34.05 -34.67
C VAL B 152 -6.38 35.42 -34.50
N ALA B 153 -5.46 35.50 -33.53
CA ALA B 153 -4.77 36.76 -33.25
C ALA B 153 -3.99 37.33 -34.43
N PRO B 154 -3.04 36.57 -35.02
CA PRO B 154 -2.36 37.07 -36.21
C PRO B 154 -3.26 37.26 -37.42
N LEU B 155 -4.19 36.32 -37.63
CA LEU B 155 -5.20 36.45 -38.70
C LEU B 155 -5.97 37.76 -38.59
N TYR B 156 -6.47 38.07 -37.40
CA TYR B 156 -7.26 39.29 -37.18
C TYR B 156 -6.50 40.54 -37.60
N TRP B 157 -5.26 40.66 -37.11
CA TRP B 157 -4.45 41.86 -37.36
C TRP B 157 -3.92 41.95 -38.78
N ASP B 158 -3.51 40.83 -39.35
CA ASP B 158 -2.92 40.80 -40.70
C ASP B 158 -4.01 40.86 -41.79
N LEU B 159 -5.17 40.24 -41.59
CA LEU B 159 -6.16 40.10 -42.67
C LEU B 159 -7.58 40.64 -42.44
N TYR B 160 -7.98 40.96 -41.21
CA TYR B 160 -9.38 41.35 -40.93
C TYR B 160 -9.63 42.75 -40.38
N ALA B 161 -8.70 43.27 -39.57
CA ALA B 161 -8.68 44.72 -39.22
C ALA B 161 -8.58 45.63 -40.42
N PRO B 162 -7.74 45.28 -41.46
CA PRO B 162 -7.69 46.09 -42.72
C PRO B 162 -8.77 45.77 -43.78
N LYS B 163 -9.72 44.87 -43.48
CA LYS B 163 -10.80 44.51 -44.40
C LYS B 163 -12.18 45.05 -43.93
N GLY B 164 -12.19 45.90 -42.90
CA GLY B 164 -13.44 46.40 -42.28
C GLY B 164 -13.71 45.92 -40.85
N LEU B 165 -13.15 44.77 -40.46
CA LEU B 165 -13.29 44.23 -39.07
C LEU B 165 -12.10 44.70 -38.17
N ASP B 166 -12.19 45.93 -37.66
CA ASP B 166 -11.16 46.56 -36.79
C ASP B 166 -11.72 47.10 -35.45
N SER B 167 -12.92 46.65 -35.09
CA SER B 167 -13.63 47.04 -33.87
C SER B 167 -13.07 46.39 -32.57
N ALA B 168 -12.47 45.20 -32.70
CA ALA B 168 -12.21 44.35 -31.57
C ALA B 168 -10.80 44.43 -31.02
N ARG B 169 -10.71 44.21 -29.72
CA ARG B 169 -9.50 43.80 -29.04
C ARG B 169 -9.48 42.27 -28.96
N ILE B 170 -8.27 41.71 -29.01
CA ILE B 170 -8.07 40.26 -28.97
C ILE B 170 -7.60 39.84 -27.58
N CYS B 171 -8.31 38.87 -27.02
CA CYS B 171 -7.93 38.25 -25.77
C CYS B 171 -7.58 36.79 -26.10
N PHE B 172 -6.46 36.32 -25.53
CA PHE B 172 -6.08 34.92 -25.66
C PHE B 172 -5.90 34.30 -24.29
N THR B 173 -6.56 33.18 -24.04
CA THR B 173 -6.32 32.41 -22.84
C THR B 173 -5.62 31.10 -23.23
N CYS B 174 -4.44 30.83 -22.65
CA CYS B 174 -3.81 29.49 -22.72
C CYS B 174 -4.10 28.74 -21.41
N HIS B 175 -4.82 27.64 -21.54
CA HIS B 175 -5.28 26.81 -20.44
C HIS B 175 -4.24 25.68 -20.09
N ASN B 176 -3.27 25.44 -20.98
CA ASN B 176 -2.12 24.57 -20.70
C ASN B 176 -1.01 24.86 -21.72
N PHE B 177 0.06 25.49 -21.24
CA PHE B 177 1.20 25.86 -22.11
C PHE B 177 2.03 24.68 -22.60
N GLU B 178 1.72 23.48 -22.12
CA GLU B 178 2.26 22.27 -22.72
C GLU B 178 1.90 22.18 -24.20
N TYR B 179 0.68 22.58 -24.55
CA TYR B 179 0.20 22.41 -25.93
C TYR B 179 0.31 23.67 -26.74
N GLN B 180 1.37 23.75 -27.54
CA GLN B 180 1.70 24.95 -28.27
C GLN B 180 1.34 24.91 -29.78
N GLY B 181 1.03 23.72 -30.30
CA GLY B 181 0.63 23.57 -31.71
C GLY B 181 1.76 23.68 -32.70
N THR B 182 2.98 23.39 -32.25
CA THR B 182 4.15 23.55 -33.11
C THR B 182 4.09 22.63 -34.32
N ALA B 183 4.54 23.15 -35.46
CA ALA B 183 4.56 22.42 -36.74
C ALA B 183 5.60 23.06 -37.68
N SER B 184 5.83 22.44 -38.85
CA SER B 184 6.62 23.06 -39.93
C SER B 184 5.95 24.34 -40.42
N ALA B 185 6.78 25.27 -40.88
CA ALA B 185 6.33 26.60 -41.31
C ALA B 185 5.41 26.57 -42.52
N SER B 186 5.66 25.66 -43.46
CA SER B 186 4.79 25.46 -44.65
C SER B 186 3.32 25.43 -44.34
N GLU B 187 2.99 24.74 -43.24
CA GLU B 187 1.61 24.56 -42.81
C GLU B 187 0.90 25.83 -42.32
N LEU B 188 1.67 26.86 -41.93
CA LEU B 188 1.08 28.13 -41.49
C LEU B 188 0.43 28.91 -42.63
N GLY B 189 0.87 28.66 -43.86
CA GLY B 189 0.40 29.39 -45.02
C GLY B 189 -0.96 28.95 -45.49
N SER B 190 -1.38 27.75 -45.10
CA SER B 190 -2.68 27.23 -45.49
C SER B 190 -3.83 28.18 -45.10
N CYS B 191 -3.85 28.68 -43.85
CA CYS B 191 -4.95 29.54 -43.40
C CYS B 191 -4.89 30.96 -43.93
N GLY B 192 -3.79 31.33 -44.61
CA GLY B 192 -3.67 32.65 -45.26
C GLY B 192 -2.59 33.56 -44.68
N LEU B 193 -1.94 33.10 -43.61
CA LEU B 193 -0.88 33.85 -42.98
C LEU B 193 0.38 33.83 -43.82
N ASP B 194 1.12 34.94 -43.76
CA ASP B 194 2.37 35.09 -44.51
C ASP B 194 3.55 34.41 -43.80
N VAL B 195 4.02 33.30 -44.36
CA VAL B 195 5.05 32.45 -43.72
C VAL B 195 6.35 33.24 -43.49
N ASN B 196 6.83 33.91 -44.55
CA ASN B 196 8.09 34.66 -44.49
C ASN B 196 8.08 35.76 -43.44
N GLN B 197 6.98 36.52 -43.35
CA GLN B 197 6.82 37.56 -42.33
C GLN B 197 6.82 36.97 -40.90
N LEU B 198 6.07 35.87 -40.74
CA LEU B 198 5.80 35.31 -39.43
C LEU B 198 6.83 34.26 -38.94
N ASN B 199 7.55 33.60 -39.85
CA ASN B 199 8.63 32.70 -39.47
C ASN B 199 9.93 33.48 -39.24
N ARG B 200 9.91 34.36 -38.22
CA ARG B 200 11.08 35.12 -37.77
C ARG B 200 11.18 35.00 -36.24
N PRO B 201 12.40 35.02 -35.66
CA PRO B 201 12.53 34.81 -34.17
C PRO B 201 11.73 35.81 -33.32
N ASP B 202 11.71 37.07 -33.75
CA ASP B 202 10.83 38.11 -33.14
C ASP B 202 9.32 37.92 -33.37
N ARG B 203 8.92 36.88 -34.13
CA ARG B 203 7.51 36.56 -34.39
C ARG B 203 7.16 35.11 -33.96
N MET B 204 6.91 34.19 -34.89
CA MET B 204 6.28 32.91 -34.56
C MET B 204 7.18 31.69 -34.73
N GLN B 205 8.43 31.87 -35.11
CA GLN B 205 9.41 30.78 -35.14
C GLN B 205 9.51 30.11 -33.78
N ASP B 206 9.45 28.77 -33.75
CA ASP B 206 9.55 28.00 -32.49
C ASP B 206 10.99 28.07 -31.95
N HIS B 207 11.56 27.02 -31.36
CA HIS B 207 13.02 26.89 -31.24
C HIS B 207 13.63 26.44 -32.56
N SER B 208 13.44 27.30 -33.58
CA SER B 208 13.54 26.98 -35.02
C SER B 208 14.08 25.59 -35.32
N SER B 209 15.43 25.48 -35.27
CA SER B 209 16.16 24.25 -35.53
C SER B 209 15.74 23.70 -36.90
N GLY B 210 14.57 23.07 -36.94
CA GLY B 210 14.06 22.46 -38.14
C GLY B 210 12.97 23.27 -38.80
N ASP B 211 13.10 24.61 -38.87
CA ASP B 211 12.17 25.42 -39.69
C ASP B 211 10.70 25.19 -39.22
N ARG B 212 10.41 25.63 -38.00
CA ARG B 212 9.12 25.33 -37.32
C ARG B 212 8.48 26.59 -36.74
N VAL B 213 7.16 26.61 -36.63
CA VAL B 213 6.44 27.78 -36.08
C VAL B 213 5.59 27.45 -34.84
N ASN B 214 5.25 28.46 -34.05
CA ASN B 214 4.60 28.29 -32.76
C ASN B 214 3.33 29.15 -32.65
N PRO B 215 2.14 28.52 -32.80
CA PRO B 215 0.86 29.24 -32.73
C PRO B 215 0.60 29.99 -31.43
N VAL B 216 0.90 29.37 -30.30
CA VAL B 216 0.71 30.00 -29.02
C VAL B 216 1.63 31.21 -28.89
N LYS B 217 2.85 31.11 -29.41
CA LYS B 217 3.75 32.26 -29.42
C LYS B 217 3.21 33.45 -30.25
N GLY B 218 2.62 33.16 -31.40
CA GLY B 218 1.92 34.16 -32.18
C GLY B 218 0.74 34.81 -31.45
N ALA B 219 0.00 34.03 -30.67
CA ALA B 219 -1.10 34.57 -29.88
C ALA B 219 -0.63 35.43 -28.73
N ILE B 220 0.50 35.10 -28.14
CA ILE B 220 1.03 35.93 -27.07
C ILE B 220 1.42 37.29 -27.65
N ILE B 221 2.05 37.28 -28.82
CA ILE B 221 2.53 38.51 -29.45
C ILE B 221 1.39 39.39 -29.96
N PHE B 222 0.47 38.81 -30.69
CA PHE B 222 -0.58 39.58 -31.36
C PHE B 222 -1.84 39.91 -30.54
N SER B 223 -1.98 39.39 -29.34
CA SER B 223 -3.21 39.62 -28.58
C SER B 223 -3.01 40.82 -27.68
N ASN B 224 -4.09 41.54 -27.42
CA ASN B 224 -4.06 42.71 -26.55
C ASN B 224 -4.12 42.34 -25.07
N ILE B 225 -4.64 41.14 -24.78
CA ILE B 225 -4.80 40.61 -23.43
C ILE B 225 -4.40 39.13 -23.51
N VAL B 226 -3.52 38.68 -22.62
CA VAL B 226 -3.12 37.27 -22.56
C VAL B 226 -3.30 36.78 -21.13
N THR B 227 -4.12 35.74 -20.93
CA THR B 227 -4.30 35.15 -19.60
C THR B 227 -3.99 33.66 -19.59
N THR B 228 -3.72 33.20 -18.38
CA THR B 228 -3.82 31.78 -18.06
C THR B 228 -4.64 31.61 -16.79
N VAL B 229 -4.79 30.38 -16.39
CA VAL B 229 -5.94 29.99 -15.60
C VAL B 229 -5.71 29.89 -14.06
N SER B 230 -4.53 30.32 -13.58
CA SER B 230 -4.33 30.57 -12.14
C SER B 230 -3.12 31.44 -11.90
N PRO B 231 -3.14 32.27 -10.86
CA PRO B 231 -1.94 33.09 -10.54
C PRO B 231 -0.62 32.27 -10.38
N THR B 232 -0.68 31.16 -9.65
CA THR B 232 0.51 30.34 -9.42
C THR B 232 1.04 29.71 -10.73
N TYR B 233 0.15 29.17 -11.55
CA TYR B 233 0.58 28.68 -12.85
C TYR B 233 1.25 29.77 -13.71
N ALA B 234 0.69 30.98 -13.70
CA ALA B 234 1.31 32.11 -14.39
C ALA B 234 2.74 32.36 -13.91
N GLN B 235 2.99 32.20 -12.61
CA GLN B 235 4.36 32.31 -12.10
C GLN B 235 5.25 31.18 -12.60
N GLU B 236 4.72 29.95 -12.60
CA GLU B 236 5.47 28.77 -13.05
C GLU B 236 5.99 28.92 -14.49
N VAL B 237 5.10 29.39 -15.36
CA VAL B 237 5.44 29.54 -16.77
C VAL B 237 6.30 30.76 -17.09
N ARG B 238 6.48 31.67 -16.14
CA ARG B 238 7.45 32.76 -16.27
C ARG B 238 8.89 32.31 -16.00
N THR B 239 9.07 31.16 -15.32
CA THR B 239 10.41 30.61 -15.09
C THR B 239 10.82 29.74 -16.27
N ALA B 240 12.13 29.63 -16.46
CA ALA B 240 12.75 28.78 -17.48
C ALA B 240 12.20 27.33 -17.45
N GLU B 241 12.13 26.79 -16.25
CA GLU B 241 11.91 25.37 -16.03
C GLU B 241 10.44 24.99 -16.32
N GLY B 242 9.50 25.86 -15.95
CA GLY B 242 8.06 25.62 -16.21
C GLY B 242 7.48 26.22 -17.49
N GLY B 243 8.18 27.19 -18.08
CA GLY B 243 7.65 27.92 -19.26
C GLY B 243 7.63 27.16 -20.57
N LYS B 244 8.47 26.12 -20.69
CA LYS B 244 8.47 25.20 -21.83
C LYS B 244 8.89 25.89 -23.14
N GLY B 245 9.95 26.69 -23.08
CA GLY B 245 10.45 27.46 -24.22
C GLY B 245 9.89 28.88 -24.39
N LEU B 246 8.69 29.11 -23.85
CA LEU B 246 7.98 30.39 -24.03
C LEU B 246 8.27 31.43 -22.97
N HIS B 247 8.99 31.06 -21.90
CA HIS B 247 9.16 31.97 -20.74
C HIS B 247 9.74 33.35 -21.20
N SER B 248 10.70 33.38 -22.14
CA SER B 248 11.29 34.64 -22.62
C SER B 248 10.28 35.57 -23.34
N THR B 249 9.40 34.99 -24.12
CA THR B 249 8.31 35.74 -24.76
C THR B 249 7.30 36.29 -23.75
N LEU B 250 6.96 35.47 -22.75
CA LEU B 250 6.04 35.88 -21.67
C LEU B 250 6.62 36.99 -20.78
N ASN B 251 7.91 36.94 -20.54
CA ASN B 251 8.59 38.00 -19.78
C ASN B 251 8.69 39.31 -20.55
N PHE B 252 8.84 39.25 -21.87
CA PHE B 252 8.85 40.43 -22.73
C PHE B 252 7.46 41.10 -22.74
N HIS B 253 6.43 40.28 -22.88
CA HIS B 253 5.05 40.71 -22.93
C HIS B 253 4.36 40.64 -21.57
N SER B 254 5.12 40.82 -20.49
CA SER B 254 4.58 40.61 -19.15
C SER B 254 3.44 41.56 -18.79
N LYS B 255 3.48 42.81 -19.24
CA LYS B 255 2.50 43.80 -18.82
C LYS B 255 1.06 43.40 -19.13
N LYS B 256 0.85 42.66 -20.24
CA LYS B 256 -0.48 42.21 -20.65
C LYS B 256 -0.80 40.76 -20.29
N PHE B 257 0.13 40.07 -19.62
CA PHE B 257 -0.02 38.66 -19.22
C PHE B 257 -0.39 38.56 -17.77
N ILE B 258 -1.48 37.85 -17.47
CA ILE B 258 -1.93 37.73 -16.09
C ILE B 258 -2.64 36.42 -15.88
N GLY B 259 -2.50 35.86 -14.69
CA GLY B 259 -3.12 34.57 -14.34
C GLY B 259 -4.34 34.83 -13.51
N ILE B 260 -5.46 34.23 -13.90
CA ILE B 260 -6.75 34.42 -13.24
C ILE B 260 -7.36 33.05 -12.99
N LEU B 261 -7.62 32.78 -11.69
CA LEU B 261 -8.16 31.50 -11.25
C LEU B 261 -9.52 31.26 -11.86
N ASN B 262 -9.68 30.15 -12.61
CA ASN B 262 -10.99 29.75 -13.11
C ASN B 262 -12.01 29.65 -11.95
N GLY B 263 -13.25 30.06 -12.19
CA GLY B 263 -14.40 29.59 -11.41
C GLY B 263 -14.99 28.32 -12.03
N ILE B 264 -16.09 27.87 -11.43
CA ILE B 264 -16.96 26.84 -12.00
C ILE B 264 -18.38 27.38 -12.06
N ASP B 265 -19.14 26.80 -12.99
CA ASP B 265 -20.53 27.17 -13.18
C ASP B 265 -21.32 26.57 -12.02
N THR B 266 -21.53 27.37 -11.00
CA THR B 266 -22.26 26.90 -9.83
C THR B 266 -23.78 26.77 -10.00
N ASP B 267 -24.34 27.05 -11.20
CA ASP B 267 -25.72 26.66 -11.52
C ASP B 267 -25.80 25.23 -12.04
N SER B 268 -24.96 24.89 -13.01
CA SER B 268 -24.78 23.46 -13.43
C SER B 268 -24.24 22.55 -12.32
N TRP B 269 -23.18 22.99 -11.65
CA TRP B 269 -22.60 22.23 -10.55
C TRP B 269 -23.18 22.71 -9.22
N ASN B 270 -24.32 22.12 -8.86
CA ASN B 270 -25.04 22.51 -7.64
C ASN B 270 -25.76 21.28 -7.10
N PRO B 271 -25.33 20.77 -5.93
CA PRO B 271 -25.98 19.56 -5.38
C PRO B 271 -27.49 19.70 -5.08
N ALA B 272 -27.94 20.93 -4.80
CA ALA B 272 -29.34 21.18 -4.48
C ALA B 272 -30.29 21.01 -5.65
N THR B 273 -29.79 21.17 -6.88
CA THR B 273 -30.64 21.14 -8.09
C THR B 273 -30.06 20.24 -9.17
N ASP B 274 -29.12 19.38 -8.84
CA ASP B 274 -28.42 18.58 -9.85
C ASP B 274 -29.37 17.49 -10.36
N PRO B 275 -29.72 17.55 -11.68
CA PRO B 275 -30.67 16.54 -12.21
C PRO B 275 -30.10 15.13 -12.29
N PHE B 276 -28.77 15.00 -12.40
CA PHE B 276 -28.10 13.69 -12.46
C PHE B 276 -28.08 12.89 -11.14
N LEU B 277 -28.42 13.52 -10.02
CA LEU B 277 -28.34 12.88 -8.72
C LEU B 277 -29.59 12.11 -8.37
N LYS B 278 -29.42 11.12 -7.51
CA LYS B 278 -30.55 10.42 -6.93
C LYS B 278 -31.27 11.34 -5.91
N ALA B 279 -30.47 11.90 -4.98
CA ALA B 279 -30.96 12.81 -3.97
C ALA B 279 -30.20 14.12 -4.04
N GLN B 280 -30.89 15.18 -3.63
CA GLN B 280 -30.34 16.52 -3.66
C GLN B 280 -29.87 16.82 -2.23
N PHE B 281 -28.94 17.76 -2.08
CA PHE B 281 -28.50 18.19 -0.76
C PHE B 281 -27.77 19.52 -0.87
N ASN B 282 -27.43 20.09 0.27
CA ASN B 282 -26.72 21.37 0.30
C ASN B 282 -25.96 21.47 1.61
N ALA B 283 -25.21 22.56 1.76
CA ALA B 283 -24.45 22.85 3.00
C ALA B 283 -25.25 22.60 4.30
N LYS B 284 -26.56 22.85 4.29
CA LYS B 284 -27.39 22.75 5.48
C LYS B 284 -28.12 21.41 5.66
N ASP B 285 -27.89 20.45 4.76
CA ASP B 285 -28.65 19.19 4.76
C ASP B 285 -27.84 18.12 4.03
N LEU B 286 -27.04 17.40 4.80
CA LEU B 286 -26.13 16.38 4.25
C LEU B 286 -26.75 14.97 4.15
N GLN B 287 -27.96 14.80 4.69
CA GLN B 287 -28.78 13.61 4.46
C GLN B 287 -28.56 13.05 3.06
N GLY B 288 -28.86 13.87 2.04
CA GLY B 288 -28.79 13.46 0.65
C GLY B 288 -27.40 13.05 0.16
N LYS B 289 -26.35 13.54 0.81
CA LYS B 289 -24.98 13.09 0.53
C LYS B 289 -24.78 11.62 0.91
N GLU B 290 -25.06 11.25 2.16
CA GLU B 290 -25.10 9.82 2.56
C GLU B 290 -26.02 8.97 1.64
N GLU B 291 -27.16 9.50 1.22
CA GLU B 291 -28.06 8.77 0.28
C GLU B 291 -27.37 8.50 -1.06
N ASN B 292 -26.60 9.45 -1.57
CA ASN B 292 -25.83 9.26 -2.82
C ASN B 292 -24.68 8.25 -2.63
N LYS B 293 -24.03 8.34 -1.49
CA LYS B 293 -23.03 7.36 -1.12
C LYS B 293 -23.62 5.95 -1.14
N HIS B 294 -24.79 5.78 -0.55
CA HIS B 294 -25.45 4.48 -0.53
C HIS B 294 -25.86 4.03 -1.96
N ALA B 295 -26.47 4.93 -2.72
CA ALA B 295 -26.91 4.62 -4.07
C ALA B 295 -25.72 4.15 -4.96
N LEU B 296 -24.60 4.87 -4.90
CA LEU B 296 -23.42 4.54 -5.71
C LEU B 296 -22.81 3.22 -5.33
N ARG B 297 -22.67 2.96 -4.03
CA ARG B 297 -22.25 1.64 -3.54
C ARG B 297 -23.11 0.51 -4.12
N LYS B 298 -24.42 0.69 -4.05
CA LYS B 298 -25.40 -0.27 -4.53
C LYS B 298 -25.31 -0.43 -6.05
N GLN B 299 -25.17 0.67 -6.78
CA GLN B 299 -25.02 0.58 -8.25
C GLN B 299 -23.74 -0.21 -8.61
N LEU B 300 -22.64 0.03 -7.91
CA LEU B 300 -21.35 -0.57 -8.27
C LEU B 300 -21.10 -1.93 -7.64
N GLY B 301 -21.85 -2.30 -6.63
CA GLY B 301 -21.65 -3.55 -5.91
C GLY B 301 -20.57 -3.46 -4.84
N LEU B 302 -20.37 -2.26 -4.31
CA LEU B 302 -19.49 -2.03 -3.16
C LEU B 302 -20.23 -2.28 -1.86
N SER B 303 -19.50 -2.70 -0.83
CA SER B 303 -20.09 -3.01 0.46
C SER B 303 -20.56 -1.77 1.22
N SER B 304 -21.78 -1.83 1.75
CA SER B 304 -22.29 -0.81 2.66
C SER B 304 -22.51 -1.41 4.04
N ALA B 305 -21.98 -2.61 4.29
CA ALA B 305 -22.17 -3.28 5.58
C ALA B 305 -21.52 -2.41 6.67
N GLU B 306 -20.20 -2.19 6.61
CA GLU B 306 -19.50 -1.41 7.64
C GLU B 306 -19.93 0.07 7.63
N SER B 307 -19.98 0.65 8.84
CA SER B 307 -20.79 1.87 9.12
C SER B 307 -20.17 3.19 8.59
N ARG B 308 -18.87 3.37 8.80
CA ARG B 308 -18.23 4.68 8.64
C ARG B 308 -16.86 4.56 7.93
N ARG B 309 -16.97 4.15 6.69
CA ARG B 309 -15.84 3.84 5.87
C ARG B 309 -15.77 4.98 4.83
N PRO B 310 -14.67 5.73 4.79
CA PRO B 310 -14.56 6.84 3.84
C PRO B 310 -14.43 6.37 2.39
N LEU B 311 -15.21 6.98 1.50
CA LEU B 311 -15.16 6.71 0.07
C LEU B 311 -14.25 7.77 -0.57
N VAL B 312 -13.16 7.33 -1.17
CA VAL B 312 -12.22 8.21 -1.86
C VAL B 312 -12.57 8.14 -3.34
N GLY B 313 -12.80 9.29 -3.94
CA GLY B 313 -13.04 9.37 -5.39
C GLY B 313 -11.92 10.00 -6.16
N CYS B 314 -11.83 9.67 -7.44
CA CYS B 314 -10.92 10.27 -8.39
C CYS B 314 -11.58 10.23 -9.76
N ILE B 315 -11.74 11.42 -10.36
CA ILE B 315 -12.35 11.62 -11.67
C ILE B 315 -11.36 12.46 -12.48
N THR B 316 -10.82 11.87 -13.54
CA THR B 316 -9.70 12.45 -14.23
C THR B 316 -9.42 11.80 -15.55
N ARG B 317 -8.73 12.53 -16.42
CA ARG B 317 -8.09 11.94 -17.56
C ARG B 317 -6.81 11.32 -17.01
N LEU B 318 -6.45 10.15 -17.50
CA LEU B 318 -5.28 9.44 -17.01
C LEU B 318 -4.10 9.69 -17.94
N VAL B 319 -3.40 10.79 -17.65
CA VAL B 319 -2.22 11.22 -18.39
C VAL B 319 -1.16 11.66 -17.36
N PRO B 320 0.12 11.62 -17.73
CA PRO B 320 1.17 11.98 -16.76
C PRO B 320 0.93 13.23 -15.94
N GLN B 321 0.32 14.25 -16.52
CA GLN B 321 0.03 15.48 -15.80
C GLN B 321 -0.64 15.24 -14.43
N LYS B 322 -1.54 14.26 -14.42
CA LYS B 322 -2.42 14.02 -13.29
C LYS B 322 -1.79 13.15 -12.19
N GLY B 323 -0.53 12.77 -12.34
CA GLY B 323 0.19 11.98 -11.37
C GLY B 323 -0.34 10.56 -11.31
N VAL B 324 -0.35 9.87 -12.44
CA VAL B 324 -0.97 8.53 -12.51
C VAL B 324 -0.35 7.46 -11.60
N HIS B 325 0.96 7.58 -11.35
CA HIS B 325 1.64 6.64 -10.43
C HIS B 325 1.12 6.85 -9.00
N LEU B 326 0.89 8.12 -8.62
CA LEU B 326 0.26 8.46 -7.36
C LEU B 326 -1.21 8.03 -7.26
N ILE B 327 -1.94 8.12 -8.36
CA ILE B 327 -3.30 7.64 -8.38
C ILE B 327 -3.34 6.13 -8.18
N ARG B 328 -2.50 5.42 -8.92
CA ARG B 328 -2.31 3.99 -8.72
C ARG B 328 -2.02 3.65 -7.27
N HIS B 329 -1.06 4.34 -6.68
CA HIS B 329 -0.68 4.10 -5.26
C HIS B 329 -1.85 4.34 -4.33
N ALA B 330 -2.59 5.40 -4.58
CA ALA B 330 -3.72 5.78 -3.73
C ALA B 330 -4.80 4.74 -3.66
N ILE B 331 -4.98 3.98 -4.72
CA ILE B 331 -5.96 2.91 -4.72
C ILE B 331 -5.61 1.94 -3.61
N TYR B 332 -4.37 1.44 -3.63
CA TYR B 332 -3.95 0.41 -2.68
C TYR B 332 -3.84 0.99 -1.26
N ARG B 333 -3.39 2.22 -1.14
CA ARG B 333 -3.21 2.80 0.18
C ARG B 333 -4.57 3.04 0.88
N THR B 334 -5.52 3.53 0.11
CA THR B 334 -6.86 3.75 0.57
C THR B 334 -7.45 2.47 1.12
N LEU B 335 -7.28 1.41 0.37
CA LEU B 335 -7.69 0.10 0.79
C LEU B 335 -6.96 -0.36 2.06
N GLU B 336 -5.65 -0.16 2.11
CA GLU B 336 -4.83 -0.52 3.28
C GLU B 336 -5.33 0.20 4.54
N LEU B 337 -5.71 1.46 4.37
CA LEU B 337 -6.16 2.31 5.47
C LEU B 337 -7.64 2.07 5.86
N GLY B 338 -8.32 1.15 5.19
CA GLY B 338 -9.69 0.76 5.52
C GLY B 338 -10.77 1.62 4.85
N GLY B 339 -10.46 2.22 3.71
CA GLY B 339 -11.42 3.01 2.95
C GLY B 339 -11.79 2.28 1.67
N GLN B 340 -12.71 2.89 0.91
CA GLN B 340 -13.10 2.43 -0.41
C GLN B 340 -12.66 3.45 -1.45
N PHE B 341 -12.60 3.01 -2.70
CA PHE B 341 -12.05 3.82 -3.79
C PHE B 341 -12.82 3.61 -5.10
N VAL B 342 -13.25 4.73 -5.69
CA VAL B 342 -13.91 4.71 -6.99
C VAL B 342 -13.13 5.61 -7.95
N LEU B 343 -12.63 5.02 -9.04
CA LEU B 343 -11.92 5.75 -10.07
C LEU B 343 -12.83 5.83 -11.28
N LEU B 344 -12.96 7.04 -11.82
CA LEU B 344 -13.60 7.26 -13.10
C LEU B 344 -12.60 8.00 -13.98
N GLY B 345 -12.07 7.33 -14.98
CA GLY B 345 -11.07 7.98 -15.85
C GLY B 345 -10.70 7.14 -17.03
N SER B 346 -10.27 7.77 -18.12
CA SER B 346 -9.62 7.00 -19.17
C SER B 346 -8.43 7.74 -19.75
N SER B 347 -7.58 6.98 -20.41
CA SER B 347 -6.32 7.46 -20.91
C SER B 347 -6.32 7.39 -22.42
N PRO B 348 -5.86 8.46 -23.07
CA PRO B 348 -5.53 8.35 -24.49
C PRO B 348 -4.19 7.63 -24.75
N VAL B 349 -3.43 7.26 -23.70
CA VAL B 349 -2.11 6.64 -23.84
C VAL B 349 -2.24 5.13 -23.60
N PRO B 350 -2.10 4.31 -24.64
CA PRO B 350 -2.41 2.88 -24.50
C PRO B 350 -1.72 2.10 -23.37
N HIS B 351 -0.45 2.37 -23.09
CA HIS B 351 0.26 1.62 -22.03
C HIS B 351 -0.33 1.96 -20.64
N ILE B 352 -0.82 3.20 -20.48
CA ILE B 352 -1.51 3.64 -19.27
C ILE B 352 -2.90 3.01 -19.23
N GLN B 353 -3.62 2.99 -20.33
CA GLN B 353 -4.92 2.29 -20.37
C GLN B 353 -4.73 0.82 -19.99
N ARG B 354 -3.73 0.17 -20.59
CA ARG B 354 -3.44 -1.25 -20.34
C ARG B 354 -3.11 -1.53 -18.83
N GLU B 355 -2.34 -0.63 -18.22
CA GLU B 355 -1.93 -0.75 -16.80
C GLU B 355 -3.15 -0.66 -15.86
N PHE B 356 -4.04 0.29 -16.13
CA PHE B 356 -5.26 0.44 -15.33
C PHE B 356 -6.28 -0.65 -15.60
N GLU B 357 -6.35 -1.11 -16.84
CA GLU B 357 -7.21 -2.24 -17.22
C GLU B 357 -6.88 -3.47 -16.40
N GLY B 358 -5.58 -3.67 -16.12
CA GLY B 358 -5.10 -4.78 -15.26
C GLY B 358 -5.55 -4.64 -13.81
N ILE B 359 -5.43 -3.42 -13.28
CA ILE B 359 -5.88 -3.10 -11.94
C ILE B 359 -7.40 -3.29 -11.82
N GLU B 360 -8.13 -2.94 -12.87
CA GLU B 360 -9.57 -3.01 -12.84
C GLU B 360 -10.03 -4.43 -12.69
N GLN B 361 -9.50 -5.34 -13.51
CA GLN B 361 -9.99 -6.73 -13.40
C GLN B 361 -9.52 -7.42 -12.09
N GLN B 362 -8.36 -7.01 -11.56
CA GLN B 362 -7.93 -7.37 -10.18
C GLN B 362 -9.03 -7.09 -9.11
N PHE B 363 -9.84 -6.05 -9.35
CA PHE B 363 -10.93 -5.64 -8.45
C PHE B 363 -12.37 -5.75 -9.04
N LYS B 364 -12.57 -6.56 -10.10
CA LYS B 364 -13.88 -6.70 -10.80
C LYS B 364 -15.13 -6.54 -9.91
N SER B 365 -15.20 -7.44 -8.90
CA SER B 365 -16.28 -7.48 -7.91
C SER B 365 -15.70 -7.49 -6.50
N HIS B 366 -14.72 -6.61 -6.26
CA HIS B 366 -14.24 -6.33 -4.92
C HIS B 366 -15.27 -5.51 -4.18
N ASP B 367 -15.36 -5.72 -2.87
CA ASP B 367 -16.30 -4.97 -2.05
C ASP B 367 -16.00 -3.47 -1.90
N HIS B 368 -14.75 -3.06 -2.08
CA HIS B 368 -14.29 -1.70 -1.69
C HIS B 368 -13.59 -0.90 -2.79
N VAL B 369 -13.26 -1.51 -3.93
CA VAL B 369 -12.58 -0.80 -5.02
C VAL B 369 -13.24 -1.06 -6.36
N ARG B 370 -13.58 0.00 -7.08
CA ARG B 370 -14.09 -0.13 -8.46
C ARG B 370 -13.44 0.90 -9.35
N LEU B 371 -13.05 0.47 -10.54
CA LEU B 371 -12.41 1.32 -11.54
C LEU B 371 -13.33 1.35 -12.74
N LEU B 372 -13.64 2.56 -13.20
CA LEU B 372 -14.55 2.76 -14.30
C LEU B 372 -13.77 3.45 -15.42
N LEU B 373 -13.20 2.66 -16.31
CA LEU B 373 -12.29 3.17 -17.32
C LEU B 373 -13.01 3.70 -18.53
N LYS B 374 -13.57 4.90 -18.37
CA LYS B 374 -14.38 5.54 -19.41
C LYS B 374 -14.69 6.99 -19.05
N TYR B 375 -15.11 7.77 -20.06
CA TYR B 375 -15.67 9.12 -19.87
C TYR B 375 -17.16 8.88 -19.62
N ASP B 376 -17.70 9.35 -18.50
CA ASP B 376 -19.13 9.24 -18.23
C ASP B 376 -19.60 10.42 -17.36
N GLU B 377 -20.40 11.28 -17.99
CA GLU B 377 -20.86 12.51 -17.37
C GLU B 377 -21.80 12.23 -16.21
N ALA B 378 -22.86 11.48 -16.48
CA ALA B 378 -23.82 11.16 -15.42
C ALA B 378 -23.08 10.65 -14.16
N LEU B 379 -22.22 9.67 -14.36
CA LEU B 379 -21.48 9.04 -13.26
C LEU B 379 -20.59 9.98 -12.44
N SER B 380 -19.90 10.88 -13.11
CA SER B 380 -19.07 11.88 -12.42
C SER B 380 -19.89 12.69 -11.40
N HIS B 381 -21.09 13.13 -11.79
CA HIS B 381 -21.95 13.79 -10.84
C HIS B 381 -22.17 12.96 -9.57
N THR B 382 -22.57 11.69 -9.71
CA THR B 382 -22.87 10.87 -8.54
C THR B 382 -21.59 10.55 -7.74
N ILE B 383 -20.44 10.50 -8.39
CA ILE B 383 -19.17 10.28 -7.67
C ILE B 383 -18.76 11.46 -6.83
N TYR B 384 -18.87 12.68 -7.37
CA TYR B 384 -18.62 13.89 -6.57
C TYR B 384 -19.55 13.88 -5.34
N ALA B 385 -20.83 13.64 -5.57
CA ALA B 385 -21.83 13.62 -4.51
C ALA B 385 -21.53 12.56 -3.44
N ALA B 386 -21.28 11.33 -3.89
CA ALA B 386 -21.07 10.19 -2.98
C ALA B 386 -19.78 10.23 -2.16
N SER B 387 -18.72 10.81 -2.72
CA SER B 387 -17.39 10.66 -2.14
C SER B 387 -17.20 11.54 -0.92
N ASP B 388 -16.45 11.06 0.06
CA ASP B 388 -16.05 11.85 1.23
C ASP B 388 -14.75 12.58 1.00
N LEU B 389 -13.89 11.98 0.17
CA LEU B 389 -12.57 12.48 -0.13
C LEU B 389 -12.36 12.39 -1.64
N PHE B 390 -11.53 13.28 -2.16
CA PHE B 390 -11.28 13.40 -3.59
C PHE B 390 -9.81 13.74 -3.82
N ILE B 391 -9.12 12.98 -4.68
CA ILE B 391 -7.68 13.14 -4.83
C ILE B 391 -7.27 13.80 -6.15
N ILE B 392 -6.33 14.75 -6.06
CA ILE B 392 -5.78 15.46 -7.23
C ILE B 392 -4.27 15.53 -7.00
N PRO B 393 -3.58 14.43 -7.21
CA PRO B 393 -2.16 14.43 -6.94
C PRO B 393 -1.33 14.78 -8.21
N SER B 394 -1.63 15.92 -8.82
CA SER B 394 -1.10 16.28 -10.13
C SER B 394 0.42 16.60 -10.11
N ILE B 395 1.13 16.20 -11.16
CA ILE B 395 2.51 16.59 -11.35
C ILE B 395 2.55 18.11 -11.63
N PHE B 396 1.64 18.58 -12.48
CA PHE B 396 1.39 20.03 -12.67
C PHE B 396 -0.10 20.23 -13.02
N GLU B 397 -0.60 21.43 -12.78
CA GLU B 397 -2.01 21.67 -12.93
C GLU B 397 -2.27 23.18 -13.15
N PRO B 398 -2.46 23.58 -14.41
CA PRO B 398 -2.72 24.98 -14.76
C PRO B 398 -3.80 25.60 -13.92
N CYS B 399 -4.89 24.88 -13.73
CA CYS B 399 -5.91 25.28 -12.76
C CYS B 399 -6.50 24.07 -12.04
N GLY B 400 -7.21 23.25 -12.78
CA GLY B 400 -7.99 22.18 -12.21
C GLY B 400 -9.34 22.70 -11.73
N LEU B 401 -10.38 22.00 -12.15
CA LEU B 401 -11.74 22.28 -11.78
C LEU B 401 -12.33 21.22 -10.83
N THR B 402 -11.83 19.99 -10.91
CA THR B 402 -12.42 18.90 -10.17
C THR B 402 -12.34 19.09 -8.66
N GLN B 403 -11.29 19.75 -8.18
CA GLN B 403 -11.19 20.07 -6.76
C GLN B 403 -12.25 21.07 -6.32
N MET B 404 -12.58 22.00 -7.22
CA MET B 404 -13.63 22.99 -6.93
C MET B 404 -15.00 22.32 -6.95
N ILE B 405 -15.24 21.47 -7.95
CA ILE B 405 -16.50 20.72 -8.03
C ILE B 405 -16.63 19.81 -6.80
N ALA B 406 -15.56 19.07 -6.46
CA ALA B 406 -15.61 18.22 -5.27
C ALA B 406 -16.04 18.99 -4.03
N MET B 407 -15.39 20.12 -3.76
CA MET B 407 -15.74 20.92 -2.58
C MET B 407 -17.17 21.46 -2.63
N ARG B 408 -17.62 21.81 -3.82
CA ARG B 408 -18.99 22.24 -4.04
C ARG B 408 -19.97 21.16 -3.64
N TYR B 409 -19.62 19.90 -3.88
CA TYR B 409 -20.44 18.72 -3.54
C TYR B 409 -20.02 18.09 -2.19
N GLY B 410 -19.24 18.83 -1.41
CA GLY B 410 -18.88 18.42 -0.05
C GLY B 410 -17.79 17.39 0.10
N SER B 411 -17.15 17.01 -1.00
CA SER B 411 -16.07 16.01 -0.97
C SER B 411 -14.77 16.78 -0.74
N ILE B 412 -14.00 16.37 0.26
CA ILE B 412 -12.82 17.12 0.70
C ILE B 412 -11.57 16.72 -0.05
N PRO B 413 -10.88 17.70 -0.66
CA PRO B 413 -9.80 17.36 -1.56
C PRO B 413 -8.49 17.05 -0.88
N ILE B 414 -7.74 16.19 -1.53
CA ILE B 414 -6.35 15.89 -1.18
C ILE B 414 -5.55 16.18 -2.46
N ALA B 415 -4.68 17.17 -2.39
CA ALA B 415 -4.09 17.78 -3.58
C ALA B 415 -2.64 18.06 -3.43
N ARG B 416 -1.90 17.97 -4.53
CA ARG B 416 -0.51 18.39 -4.52
C ARG B 416 -0.43 19.92 -4.67
N LYS B 417 0.48 20.57 -3.95
CA LYS B 417 0.62 22.05 -4.02
C LYS B 417 1.37 22.42 -5.28
N THR B 418 0.62 22.64 -6.35
CA THR B 418 1.20 22.99 -7.62
C THR B 418 0.15 23.70 -8.45
N GLY B 419 0.58 24.68 -9.23
CA GLY B 419 -0.32 25.45 -10.10
C GLY B 419 -1.60 25.90 -9.41
N GLY B 420 -2.73 25.67 -10.06
CA GLY B 420 -4.00 26.13 -9.51
C GLY B 420 -4.41 25.51 -8.19
N LEU B 421 -3.89 24.32 -7.91
CA LEU B 421 -4.25 23.60 -6.69
C LEU B 421 -3.68 24.39 -5.49
N ASN B 422 -2.53 24.99 -5.70
CA ASN B 422 -1.91 25.87 -4.71
C ASN B 422 -2.75 27.12 -4.37
N ASP B 423 -3.57 27.54 -5.32
CA ASP B 423 -4.46 28.70 -5.20
C ASP B 423 -5.89 28.36 -4.73
N SER B 424 -6.27 27.08 -4.72
CA SER B 424 -7.61 26.68 -4.29
C SER B 424 -7.72 25.65 -3.11
N VAL B 425 -6.62 24.98 -2.76
CA VAL B 425 -6.63 23.96 -1.73
C VAL B 425 -5.63 24.28 -0.63
N PHE B 426 -6.12 24.32 0.60
CA PHE B 426 -5.38 24.77 1.77
C PHE B 426 -5.55 23.75 2.92
N ASP B 427 -4.43 23.19 3.35
CA ASP B 427 -4.38 22.17 4.39
C ASP B 427 -4.95 22.64 5.74
N ILE B 428 -5.91 21.89 6.29
CA ILE B 428 -6.50 22.20 7.60
C ILE B 428 -5.57 22.04 8.81
N ASP B 429 -4.48 21.29 8.66
CA ASP B 429 -3.48 21.17 9.74
C ASP B 429 -2.30 22.17 9.68
N ASP B 430 -2.26 23.06 8.68
CA ASP B 430 -1.22 24.12 8.64
C ASP B 430 -1.69 25.40 9.37
N ASP B 431 -1.14 25.65 10.56
CA ASP B 431 -1.51 26.82 11.37
C ASP B 431 -1.23 28.14 10.68
N THR B 432 -0.19 28.20 9.85
CA THR B 432 0.18 29.45 9.14
C THR B 432 -0.86 29.91 8.13
N ILE B 433 -1.73 29.02 7.68
CA ILE B 433 -2.85 29.37 6.79
C ILE B 433 -4.02 29.87 7.63
N PRO B 434 -4.52 31.09 7.32
CA PRO B 434 -5.70 31.56 8.04
C PRO B 434 -6.88 30.62 7.91
N THR B 435 -7.63 30.58 9.00
CA THR B 435 -8.68 29.62 9.20
C THR B 435 -9.79 29.65 8.09
N GLN B 436 -10.05 30.81 7.51
CA GLN B 436 -11.12 30.94 6.51
C GLN B 436 -10.80 30.22 5.20
N PHE B 437 -9.53 30.09 4.86
CA PHE B 437 -9.17 29.44 3.58
C PHE B 437 -9.09 27.92 3.68
N GLN B 438 -8.81 27.42 4.89
CA GLN B 438 -8.56 26.00 5.14
C GLN B 438 -9.75 25.14 4.67
N ASN B 439 -9.49 24.23 3.74
CA ASN B 439 -10.58 23.45 3.13
C ASN B 439 -10.26 22.02 2.76
N GLY B 440 -9.07 21.51 3.10
CA GLY B 440 -8.67 20.18 2.63
C GLY B 440 -7.32 19.75 3.11
N PHE B 441 -6.64 18.95 2.29
CA PHE B 441 -5.33 18.39 2.66
C PHE B 441 -4.38 18.51 1.49
N THR B 442 -3.14 18.91 1.74
CA THR B 442 -2.14 19.07 0.68
C THR B 442 -0.82 18.36 1.00
N PHE B 443 0.00 18.17 -0.02
CA PHE B 443 1.38 17.74 0.14
C PHE B 443 2.28 18.36 -0.94
N GLN B 444 3.57 18.45 -0.65
CA GLN B 444 4.51 19.10 -1.54
C GLN B 444 5.09 18.13 -2.58
N THR B 445 5.85 17.15 -2.13
CA THR B 445 6.64 16.31 -3.00
C THR B 445 5.80 15.26 -3.72
N ALA B 446 6.10 15.03 -4.99
CA ALA B 446 5.33 14.11 -5.82
C ALA B 446 5.80 12.67 -5.66
N ASP B 447 5.71 12.15 -4.44
CA ASP B 447 6.06 10.75 -4.15
C ASP B 447 5.07 10.11 -3.14
N GLU B 448 5.20 8.79 -2.96
CA GLU B 448 4.27 8.05 -2.13
C GLU B 448 4.32 8.51 -0.68
N GLN B 449 5.53 8.75 -0.21
CA GLN B 449 5.74 9.26 1.12
C GLN B 449 4.92 10.56 1.39
N GLY B 450 5.05 11.55 0.51
CA GLY B 450 4.33 12.82 0.63
C GLY B 450 2.83 12.62 0.62
N PHE B 451 2.36 11.87 -0.38
CA PHE B 451 0.95 11.60 -0.52
C PHE B 451 0.39 10.87 0.73
N ASN B 452 1.12 9.85 1.20
CA ASN B 452 0.70 9.06 2.38
C ASN B 452 0.40 9.89 3.64
N TYR B 453 1.24 10.86 3.93
CA TYR B 453 1.02 11.73 5.09
C TYR B 453 -0.28 12.54 4.98
N ALA B 454 -0.58 13.08 3.80
CA ALA B 454 -1.84 13.76 3.60
C ALA B 454 -3.04 12.80 3.71
N LEU B 455 -2.92 11.61 3.11
CA LEU B 455 -4.01 10.63 3.15
C LEU B 455 -4.26 10.14 4.59
N GLU B 456 -3.18 9.81 5.32
CA GLU B 456 -3.25 9.40 6.71
C GLU B 456 -4.03 10.45 7.52
N ARG B 457 -3.66 11.72 7.39
CA ARG B 457 -4.31 12.77 8.17
C ARG B 457 -5.79 12.93 7.79
N ALA B 458 -6.09 12.80 6.51
CA ALA B 458 -7.45 12.88 6.06
C ALA B 458 -8.33 11.76 6.62
N PHE B 459 -7.81 10.54 6.59
CA PHE B 459 -8.50 9.39 7.19
C PHE B 459 -8.68 9.52 8.71
N ASN B 460 -7.64 9.99 9.40
CA ASN B 460 -7.73 10.32 10.85
C ASN B 460 -8.84 11.33 11.16
N HIS B 461 -8.82 12.47 10.45
CA HIS B 461 -9.86 13.51 10.63
C HIS B 461 -11.26 12.95 10.40
N TYR B 462 -11.44 12.18 9.32
CA TYR B 462 -12.74 11.59 9.00
C TYR B 462 -13.22 10.64 10.10
N LYS B 463 -12.36 9.72 10.53
CA LYS B 463 -12.69 8.67 11.49
C LYS B 463 -12.84 9.12 12.94
N LYS B 464 -12.00 10.04 13.43
CA LYS B 464 -11.94 10.32 14.87
C LYS B 464 -13.11 11.16 15.44
N ASP B 465 -13.68 12.07 14.64
CA ASP B 465 -14.72 12.97 15.14
C ASP B 465 -15.74 13.33 14.04
N GLU B 466 -16.83 12.58 13.99
CA GLU B 466 -17.82 12.70 12.95
C GLU B 466 -18.45 14.07 12.77
N GLU B 467 -18.75 14.74 13.88
CA GLU B 467 -19.44 16.04 13.80
C GLU B 467 -18.44 17.19 13.55
N LYS B 468 -17.19 17.04 13.96
CA LYS B 468 -16.14 18.00 13.57
C LYS B 468 -15.90 17.95 12.06
N TRP B 469 -15.90 16.73 11.54
CA TRP B 469 -15.80 16.48 10.12
C TRP B 469 -16.98 17.09 9.36
N MET B 470 -18.18 16.95 9.92
CA MET B 470 -19.38 17.47 9.27
C MET B 470 -19.37 19.00 9.17
N ARG B 471 -18.75 19.65 10.14
CA ARG B 471 -18.53 21.11 10.08
C ARG B 471 -17.57 21.50 8.98
N LEU B 472 -16.53 20.68 8.79
CA LEU B 472 -15.57 20.90 7.73
C LEU B 472 -16.26 20.82 6.35
N VAL B 473 -17.14 19.81 6.20
CA VAL B 473 -17.95 19.63 4.98
C VAL B 473 -18.83 20.85 4.76
N GLU B 474 -19.59 21.25 5.79
CA GLU B 474 -20.45 22.44 5.73
C GLU B 474 -19.69 23.69 5.28
N LYS B 475 -18.52 23.89 5.87
CA LYS B 475 -17.73 25.07 5.61
C LYS B 475 -17.26 25.14 4.14
N VAL B 476 -16.76 24.02 3.67
CA VAL B 476 -16.22 23.86 2.33
C VAL B 476 -17.32 24.01 1.26
N MET B 477 -18.50 23.47 1.58
CA MET B 477 -19.68 23.63 0.73
C MET B 477 -20.21 25.06 0.62
N SER B 478 -19.88 25.93 1.59
CA SER B 478 -20.26 27.37 1.62
C SER B 478 -19.22 28.32 1.02
N ILE B 479 -18.14 27.78 0.47
CA ILE B 479 -17.18 28.62 -0.28
C ILE B 479 -17.79 28.99 -1.66
N ASP B 480 -17.57 30.23 -2.09
CA ASP B 480 -18.02 30.72 -3.39
C ASP B 480 -16.99 30.29 -4.42
N PHE B 481 -17.38 29.32 -5.26
CA PHE B 481 -16.58 28.89 -6.41
C PHE B 481 -17.11 29.43 -7.72
N SER B 482 -18.10 30.32 -7.66
CA SER B 482 -18.69 30.86 -8.89
C SER B 482 -17.66 31.69 -9.71
N TRP B 483 -18.05 32.10 -10.93
CA TRP B 483 -17.21 33.02 -11.74
C TRP B 483 -17.28 34.47 -11.26
N GLY B 484 -18.22 34.81 -10.38
CA GLY B 484 -18.36 36.20 -9.88
C GLY B 484 -17.09 37.03 -9.85
N SER B 485 -16.15 36.57 -9.06
CA SER B 485 -14.91 37.26 -8.83
C SER B 485 -14.00 37.37 -10.08
N SER B 486 -13.74 36.22 -10.71
CA SER B 486 -12.85 36.15 -11.87
C SER B 486 -13.45 36.66 -13.16
N ALA B 487 -14.78 36.54 -13.34
CA ALA B 487 -15.45 37.16 -14.49
C ALA B 487 -15.34 38.70 -14.44
N THR B 488 -15.47 39.27 -13.25
CA THR B 488 -15.21 40.69 -13.02
C THR B 488 -13.75 41.10 -13.40
N GLN B 489 -12.75 40.27 -13.12
CA GLN B 489 -11.38 40.57 -13.50
C GLN B 489 -11.15 40.52 -15.03
N TYR B 490 -11.75 39.54 -15.71
CA TYR B 490 -11.73 39.51 -17.18
C TYR B 490 -12.44 40.74 -17.78
N GLU B 491 -13.60 41.09 -17.24
CA GLU B 491 -14.37 42.23 -17.68
C GLU B 491 -13.54 43.53 -17.59
N GLU B 492 -12.82 43.72 -16.48
CA GLU B 492 -11.94 44.90 -16.28
C GLU B 492 -10.77 44.92 -17.27
N LEU B 493 -10.25 43.73 -17.67
CA LEU B 493 -9.28 43.64 -18.74
C LEU B 493 -9.87 44.03 -20.09
N TYR B 494 -11.08 43.54 -20.38
CA TYR B 494 -11.81 43.88 -21.60
C TYR B 494 -12.06 45.40 -21.75
N THR B 495 -12.66 45.99 -20.72
CA THR B 495 -12.93 47.46 -20.69
C THR B 495 -11.67 48.30 -20.85
N ARG B 496 -10.63 47.97 -20.10
CA ARG B 496 -9.37 48.74 -20.10
C ARG B 496 -8.69 48.68 -21.45
N SER B 497 -8.78 47.52 -22.11
CA SER B 497 -8.23 47.38 -23.46
C SER B 497 -9.03 48.14 -24.53
N VAL B 498 -10.36 48.08 -24.44
CA VAL B 498 -11.25 48.83 -25.34
C VAL B 498 -10.99 50.34 -25.23
N SER B 499 -10.82 50.82 -24.01
CA SER B 499 -10.43 52.22 -23.74
C SER B 499 -9.28 52.73 -24.61
N ARG B 500 -8.11 52.07 -24.53
CA ARG B 500 -6.99 52.36 -25.43
C ARG B 500 -7.43 52.23 -26.94
N ALA B 501 -7.99 53.33 -27.48
CA ALA B 501 -8.59 53.43 -28.84
C ALA B 501 -9.08 54.85 -29.12
C1 GLC C . 0.91 -14.15 29.01
C2 GLC C . 1.43 -15.30 29.91
C3 GLC C . 2.43 -16.17 29.16
C4 GLC C . 1.78 -16.69 27.87
C5 GLC C . 1.31 -15.49 27.03
C6 GLC C . 0.66 -15.92 25.71
O1 GLC C . 2.00 -13.23 28.75
O2 GLC C . 2.05 -14.77 31.08
O3 GLC C . 2.94 -17.24 30.01
O4 GLC C . 2.74 -17.44 27.13
O5 GLC C . 0.40 -14.67 27.78
O6 GLC C . -0.47 -16.73 26.02
C1 GLC C . 2.47 -18.81 26.85
C2 GLC C . 3.57 -19.69 27.43
C3 GLC C . 4.90 -19.44 26.71
C4 GLC C . 4.70 -19.73 25.23
C5 GLC C . 3.62 -18.80 24.70
C6 GLC C . 3.33 -19.10 23.23
O2 GLC C . 3.68 -19.47 28.83
O3 GLC C . 5.93 -20.28 27.22
O4 GLC C . 5.93 -19.57 24.52
O5 GLC C . 2.40 -18.97 25.44
O6 GLC C . 2.17 -18.35 22.82
C1 AC1 C . 6.53 -20.78 24.08
O2 AC1 C . 8.30 -20.46 25.71
C2 AC1 C . 8.05 -20.74 24.33
C4A AC1 C . 12.72 -19.53 18.76
C3 AC1 C . 8.75 -19.75 23.38
O3 AC1 C . 10.15 -19.83 23.64
C4 AC1 C . 8.40 -20.08 21.92
N4A AC1 C . 9.08 -19.24 20.92
C5 AC1 C . 6.88 -20.00 21.82
O5 AC1 C . 6.29 -20.98 22.69
C6 AC1 C . 6.34 -20.32 20.44
C1B AC1 C . 10.53 -19.17 20.73
C2B AC1 C . 11.00 -18.00 19.84
O2B AC1 C . 9.97 -17.05 19.54
C3B AC1 C . 11.68 -18.43 18.54
O3B AC1 C . 12.41 -17.30 18.07
O4 AC1 C . 13.23 -19.94 17.49
C5B AC1 C . 12.15 -20.68 19.53
C7B AC1 C . 11.13 -20.52 20.37
C6B AC1 C . 12.79 -22.05 19.40
O6B AC1 C . 14.14 -22.02 19.88
C1 GLC D . 27.21 -28.44 42.33
C2 GLC D . 26.90 -27.45 41.21
C3 GLC D . 26.30 -26.16 41.79
C4 GLC D . 25.15 -26.46 42.74
C5 GLC D . 25.52 -27.48 43.80
C6 GLC D . 24.33 -27.82 44.71
O1 GLC D . 28.32 -27.96 43.09
O2 GLC D . 28.12 -27.17 40.52
O3 GLC D . 25.79 -25.31 40.77
O4 GLC D . 24.84 -25.27 43.41
O5 GLC D . 26.04 -28.65 43.16
O6 GLC D . 24.53 -27.37 46.06
C1 GLC D . 23.67 -24.62 42.98
C2 GLC D . 24.01 -23.28 42.33
C3 GLC D . 24.50 -22.27 43.36
C4 GLC D . 23.41 -22.18 44.44
C5 GLC D . 23.37 -23.56 45.13
C6 GLC D . 22.50 -23.64 46.38
O2 GLC D . 24.99 -23.42 41.30
O3 GLC D . 24.73 -20.98 42.77
O4 GLC D . 23.62 -21.07 45.34
O5 GLC D . 22.87 -24.48 44.15
O6 GLC D . 22.00 -24.98 46.60
C1 GLC E . 0.18 14.85 -28.55
C2 GLC E . -0.32 15.94 -29.51
C3 GLC E . -1.22 16.91 -28.77
C4 GLC E . -2.36 16.15 -28.10
C5 GLC E . -1.84 15.01 -27.21
C6 GLC E . -2.99 14.16 -26.66
O1 GLC E . 1.02 15.46 -27.55
O2 GLC E . 0.77 16.63 -30.15
O3 GLC E . -1.75 17.89 -29.68
O4 GLC E . -3.17 17.07 -27.34
O5 GLC E . -0.92 14.17 -27.93
O6 GLC E . -3.80 13.68 -27.74
C1 GLC E . -4.54 17.18 -27.71
C2 GLC E . -4.88 18.65 -27.99
C3 GLC E . -4.82 19.44 -26.67
C4 GLC E . -5.76 18.78 -25.66
C5 GLC E . -5.29 17.34 -25.43
C6 GLC E . -6.09 16.55 -24.38
O2 GLC E . -3.96 19.18 -28.93
O3 GLC E . -5.18 20.80 -26.93
O4 GLC E . -5.78 19.55 -24.44
O5 GLC E . -5.37 16.64 -26.68
O6 GLC E . -7.17 15.79 -24.97
C1 AC1 E . -6.97 20.30 -24.22
O2 AC1 E . -5.60 22.25 -24.61
C2 AC1 E . -6.62 21.71 -23.75
C4A AC1 E . -7.33 23.59 -16.60
C3 AC1 E . -6.13 21.76 -22.32
O3 AC1 E . -6.03 23.15 -22.01
C4 AC1 E . -7.09 21.02 -21.36
N4A AC1 E . -6.67 21.02 -19.93
C5 AC1 E . -7.24 19.59 -21.91
O5 AC1 E . -7.78 19.64 -23.25
C6 AC1 E . -8.21 18.74 -21.08
C1B AC1 E . -6.47 22.22 -19.13
C2B AC1 E . -5.75 21.96 -17.77
O2B AC1 E . -5.25 20.64 -17.67
C3B AC1 E . -6.55 22.28 -16.51
O3B AC1 E . -5.65 22.45 -15.41
O4 AC1 E . -8.25 23.65 -15.50
C5B AC1 E . -8.07 23.75 -17.89
C7B AC1 E . -7.73 23.06 -19.00
C6B AC1 E . -9.18 24.77 -17.95
O6B AC1 E . -8.60 26.06 -17.76
PB ADP F . 7.96 -19.28 17.34
O1B ADP F . 8.70 -20.27 18.19
O2B ADP F . 6.57 -19.64 16.92
O3B ADP F . 8.02 -17.89 17.95
PA ADP F . 9.77 -20.28 15.31
O1A ADP F . 10.13 -19.77 13.95
O2A ADP F . 10.94 -20.59 16.21
O3A ADP F . 8.77 -19.18 15.94
O5' ADP F . 8.89 -21.62 15.22
C5' ADP F . 7.65 -21.68 14.50
C4' ADP F . 7.22 -23.09 14.07
O4' ADP F . 5.79 -23.21 14.13
C3' ADP F . 7.57 -23.42 12.64
O3' ADP F . 7.70 -24.83 12.51
C2' ADP F . 6.34 -22.97 11.87
O2' ADP F . 6.21 -23.63 10.63
C1' ADP F . 5.26 -23.38 12.82
N9 ADP F . 4.04 -22.55 12.72
C8 ADP F . 3.84 -21.33 13.21
N7 ADP F . 2.58 -20.90 12.96
C5 ADP F . 1.94 -21.88 12.30
C6 ADP F . 0.58 -22.09 11.71
N6 ADP F . -0.37 -21.13 11.81
N1 ADP F . 0.34 -23.28 11.10
C2 ADP F . 1.31 -24.24 11.00
N3 ADP F . 2.55 -24.09 11.50
C4 ADP F . 2.91 -22.96 12.13
PB ADP G . -8.38 18.82 -17.42
O1B ADP G . -6.90 18.65 -17.31
O2B ADP G . -8.84 20.08 -18.11
O3B ADP G . -9.04 17.57 -17.96
PA ADP G . -9.98 19.94 -15.21
O1A ADP G . -9.71 21.42 -15.41
O2A ADP G . -10.11 19.54 -13.76
O3A ADP G . -8.85 18.98 -15.88
O5' ADP G . -11.31 19.57 -16.02
C5' ADP G . -11.78 18.24 -16.12
C4' ADP G . -13.28 18.25 -16.42
O4' ADP G . -13.64 17.04 -17.11
C3' ADP G . -14.13 18.24 -15.16
O3' ADP G . -15.41 18.81 -15.42
C2' ADP G . -14.26 16.77 -14.84
O2' ADP G . -15.37 16.49 -13.99
C1' ADP G . -14.39 16.19 -16.24
N9 ADP G . -13.84 14.83 -16.38
C8 ADP G . -12.55 14.44 -16.45
N7 ADP G . -12.45 13.08 -16.63
C5 ADP G . -13.71 12.61 -16.71
C6 ADP G . -14.35 11.29 -16.89
N6 ADP G . -13.61 10.17 -17.04
N1 ADP G . -15.70 11.26 -16.91
C2 ADP G . -16.47 12.36 -16.76
N3 ADP G . -15.96 13.58 -16.58
C4 ADP G . -14.61 13.75 -16.55
#